data_9UMJ
#
_entry.id   9UMJ
#
_cell.length_a   1.00
_cell.length_b   1.00
_cell.length_c   1.00
_cell.angle_alpha   90.00
_cell.angle_beta   90.00
_cell.angle_gamma   90.00
#
_symmetry.space_group_name_H-M   'P 1'
#
loop_
_entity.id
_entity.type
_entity.pdbx_description
1 polymer 'EP54 Ligand'
2 polymer 'Muscarinic acetylcholine receptor M4,C3a anaphylatoxin chemotactic receptor'
3 polymer 'Guanine nucleotide-binding protein G(o) subunit alpha'
4 polymer 'Guanine nucleotide-binding protein G(I)/G(S)/G(T) subunit beta-1'
5 polymer 'Guanine nucleotide-binding protein G(I)/G(S)/G(O) subunit gamma-2'
6 polymer 'Antibody fragment ScFv16'
#
loop_
_entity_poly.entity_id
_entity_poly.type
_entity_poly.pdbx_seq_one_letter_code
_entity_poly.pdbx_strand_id
1 'polypeptide(L)' YSFKPMPL(DAL)R D
2 'polypeptide(L)'
;MGKTIIALSYIFCLVFADYKDDDDAANFTPVNGSSGNQSVRLVTSSSLEVLFQGPGSESFDADTNSTDLHSRPLFQPQDI
ASMVILGLTCLLGLLGNGLVLWVAGVKMKTTVNTVWFLHLTLADFLCCLSLPFSLAHLILQGHWPYGLFLCKLIPSIIIL
NMFASVFLLTAISLDRCLIVHKPIWCQNHRNVRTAFAICGCVWVVAFVMCVPVFVYRDLFIMDNRSICRYNFDSSRSYDY
WDYVYKLSLPESNSTDNSTAQLTGHMNDRSAPSSVQARDYFWTVTTALQSQPFLTSPEDSFSLDSANQQPHYGGKPPNVL
TAAVPSGFPVEDRKSNTLNADAFLSAHTELFPTASSGHLYPYDFQGDYVDQFTYDNHVPTPLMAITITRLVVGFLVPFFI
MVICYSLIVFRMRKTNFTKSRNKTFRVAVAVVTVFFICWTPYHLVGVLLLITDPESSLGEAVMSWDHMSIALASANSCFN
PFLYALLGKDFRKKARQSIKGILEAAFSEELTHSTNCTQDKASSKRNNMSTDV
;
C
3 'polypeptide(L)'
;MGHHHHHHENLYFQGTLSAEERAALERSKAIEKNLKEDGISAAKDVKLLLLGADNSGKSTIVKQMKIIHGGSGGSGGTTG
IVETHFTFKNLHFRLFDVGGQRSERKKWIHCFEDVTAIIFCVDLSDYNRMHESLMLFDSICNNKFFIDTSIILFLNKKDL
FGEKIKKSPLTICFPEYTGPNTYEDAAAYIQAQFESKNRSPNKEIYCHMTCATDTNNAQVIFDAVTDIIIANNLRGCGLY
;
A
4 'polypeptide(L)'
;MHHHHHHGSSGSELDQLRQEAEQLKNQIRDARKACADATLSQITNNIDPVGRIQMRTRRTLRGHLAKIYAMHWGTDSRLL
VSASQDGKLIIWDSYTTNKVHAIPLRSSWVMTCAYAPSGNYVACGGLDNICSIYNLKTREGNVRVSRELAGHTGYLSCCR
FLDDNQIVTSSGDTTCALWDIETGQQTTTFTGHTGDVMSLSLAPDTRLFVSGACDASAKLWDVREGMCRQTFTGHESDIN
AICFFPNGNAFATGSDDATCRLFDLRADQELMTYSHDNIICGITSVSFSKSGRLLLAGYDDFNCNVWDALKADRAGVLAG
HDNRVSCLGVTDDGMAVATGSWDSFLKIWN
;
B
5 'polypeptide(L)' MASNNTASIAQARKLVEQLKMEANIDRIKVSKAAADLMAYCEAHAKEDPLLTPVPASENPFREKKFFCAIL G
6 'polypeptide(L)'
;DVQLVESGGGLVQPGGSRKLSCSASGFAFSSFGMHWVRQAPEKGLEWVAYISSGSGTIYYADTVKGRFTISRDDPKNTLF
LQMTSLRSEDTAMYYCVRSIYYYGSSPFDFWGQGTTLTVSSGGGGSGGGGSGGGGSDIVMTQATSSVPVTPGESVSISCR
SSKSLLHSNGNTYLYWFLQRPGQSPQLLIYRMSNLASGVPDRFSGSGSGTAFTLTISRLEAEDVGVYYCMQHLEYPLTFG
AGTKLELK
;
H
#
# COMPACT_ATOMS: atom_id res chain seq x y z
N PHE A 3 21.23 -57.58 -6.58
CA PHE A 3 20.23 -56.54 -6.33
C PHE A 3 19.41 -56.25 -7.58
N LYS A 4 18.14 -56.62 -7.55
CA LYS A 4 17.26 -56.35 -8.68
C LYS A 4 17.02 -54.84 -8.80
N PRO A 5 16.82 -54.34 -10.03
CA PRO A 5 16.57 -52.90 -10.20
C PRO A 5 15.27 -52.49 -9.51
N MET A 6 15.25 -51.24 -9.07
CA MET A 6 14.07 -50.78 -8.36
C MET A 6 13.33 -49.70 -9.14
N PRO A 7 12.01 -49.79 -9.24
CA PRO A 7 11.23 -48.68 -9.78
C PRO A 7 11.25 -47.50 -8.82
N LEU A 8 11.29 -46.30 -9.39
CA LEU A 8 11.37 -45.08 -8.61
C LEU A 8 10.18 -44.91 -7.68
N ARG A 10 9.72 -45.25 -4.09
CA ARG A 10 10.05 -45.67 -2.74
C ARG A 10 11.55 -45.62 -2.49
N PRO B 73 2.76 -59.82 -24.75
CA PRO B 73 2.72 -58.35 -24.88
C PRO B 73 3.98 -57.68 -24.36
N LEU B 74 4.38 -56.58 -25.01
CA LEU B 74 5.59 -55.88 -24.60
C LEU B 74 5.46 -55.32 -23.19
N PHE B 75 4.30 -54.76 -22.86
CA PHE B 75 4.04 -54.23 -21.53
C PHE B 75 2.99 -55.08 -20.84
N GLN B 76 3.24 -55.40 -19.57
CA GLN B 76 2.28 -56.15 -18.79
C GLN B 76 1.04 -55.30 -18.55
N PRO B 77 -0.12 -55.94 -18.32
CA PRO B 77 -1.34 -55.14 -18.10
C PRO B 77 -1.22 -54.13 -16.98
N GLN B 78 -0.57 -54.53 -15.87
CA GLN B 78 -0.34 -53.59 -14.78
C GLN B 78 0.57 -52.46 -15.22
N ASP B 79 1.61 -52.78 -16.00
CA ASP B 79 2.50 -51.75 -16.50
C ASP B 79 1.77 -50.79 -17.42
N ILE B 80 0.89 -51.31 -18.28
CA ILE B 80 0.11 -50.46 -19.18
C ILE B 80 -0.78 -49.52 -18.37
N ALA B 81 -1.47 -50.07 -17.37
CA ALA B 81 -2.34 -49.24 -16.53
C ALA B 81 -1.54 -48.17 -15.81
N SER B 82 -0.38 -48.55 -15.27
CA SER B 82 0.46 -47.59 -14.56
C SER B 82 0.94 -46.48 -15.49
N MET B 83 1.35 -46.84 -16.70
CA MET B 83 1.84 -45.84 -17.63
C MET B 83 0.72 -44.88 -18.04
N VAL B 84 -0.46 -45.41 -18.34
CA VAL B 84 -1.54 -44.54 -18.81
C VAL B 84 -2.01 -43.63 -17.67
N ILE B 85 -2.13 -44.17 -16.47
CA ILE B 85 -2.56 -43.34 -15.35
C ILE B 85 -1.50 -42.31 -15.03
N LEU B 86 -0.21 -42.65 -15.17
CA LEU B 86 0.85 -41.68 -14.94
C LEU B 86 0.78 -40.55 -15.95
N GLY B 87 0.55 -40.87 -17.23
CA GLY B 87 0.46 -39.81 -18.23
C GLY B 87 -0.72 -38.89 -17.98
N LEU B 88 -1.89 -39.47 -17.73
CA LEU B 88 -3.07 -38.66 -17.45
C LEU B 88 -2.88 -37.81 -16.20
N THR B 89 -2.32 -38.41 -15.14
CA THR B 89 -2.09 -37.69 -13.90
C THR B 89 -1.10 -36.56 -14.11
N CYS B 90 -0.02 -36.80 -14.84
CA CYS B 90 0.96 -35.77 -15.09
C CYS B 90 0.34 -34.59 -15.83
N LEU B 91 -0.42 -34.87 -16.89
CA LEU B 91 -1.04 -33.79 -17.65
C LEU B 91 -2.02 -33.00 -16.79
N LEU B 92 -2.97 -33.69 -16.15
CA LEU B 92 -3.99 -33.00 -15.37
C LEU B 92 -3.39 -32.24 -14.20
N GLY B 93 -2.46 -32.86 -13.48
CA GLY B 93 -1.85 -32.20 -12.35
C GLY B 93 -0.99 -31.01 -12.75
N LEU B 94 -0.23 -31.13 -13.84
CA LEU B 94 0.52 -30.00 -14.34
C LEU B 94 -0.40 -28.83 -14.62
N LEU B 95 -1.49 -29.08 -15.35
CA LEU B 95 -2.43 -28.01 -15.67
C LEU B 95 -3.03 -27.39 -14.41
N GLY B 96 -3.57 -28.23 -13.53
CA GLY B 96 -4.26 -27.72 -12.36
C GLY B 96 -3.33 -26.98 -11.41
N ASN B 97 -2.18 -27.58 -11.11
CA ASN B 97 -1.24 -26.95 -10.20
C ASN B 97 -0.67 -25.66 -10.78
N GLY B 98 -0.37 -25.65 -12.09
CA GLY B 98 0.09 -24.42 -12.71
C GLY B 98 -0.94 -23.31 -12.59
N LEU B 99 -2.20 -23.63 -12.90
CA LEU B 99 -3.25 -22.62 -12.80
C LEU B 99 -3.37 -22.11 -11.37
N VAL B 100 -3.39 -23.02 -10.40
CA VAL B 100 -3.62 -22.62 -9.01
C VAL B 100 -2.47 -21.76 -8.51
N LEU B 101 -1.23 -22.21 -8.75
CA LEU B 101 -0.08 -21.45 -8.29
C LEU B 101 -0.02 -20.09 -8.97
N TRP B 102 -0.22 -20.06 -10.28
CA TRP B 102 -0.19 -18.78 -11.01
C TRP B 102 -1.23 -17.81 -10.46
N VAL B 103 -2.48 -18.27 -10.32
CA VAL B 103 -3.54 -17.37 -9.87
C VAL B 103 -3.24 -16.87 -8.46
N ALA B 104 -2.93 -17.79 -7.55
CA ALA B 104 -2.77 -17.40 -6.14
C ALA B 104 -1.54 -16.53 -5.93
N GLY B 105 -0.46 -16.80 -6.64
CA GLY B 105 0.76 -16.04 -6.46
C GLY B 105 0.96 -14.86 -7.37
N VAL B 106 0.02 -14.60 -8.29
CA VAL B 106 0.14 -13.41 -9.13
C VAL B 106 -1.09 -12.52 -8.94
N LYS B 107 -2.27 -13.08 -9.18
CA LYS B 107 -3.47 -12.25 -9.19
C LYS B 107 -3.84 -11.78 -7.78
N MET B 108 -3.78 -12.68 -6.80
CA MET B 108 -4.22 -12.38 -5.45
C MET B 108 -3.03 -12.25 -4.50
N LYS B 109 -3.27 -11.57 -3.39
CA LYS B 109 -2.26 -11.39 -2.36
C LYS B 109 -2.18 -12.62 -1.46
N THR B 110 -1.14 -12.68 -0.66
CA THR B 110 -0.86 -13.84 0.20
C THR B 110 -1.40 -13.53 1.60
N THR B 111 -2.64 -13.91 1.84
CA THR B 111 -3.24 -13.79 3.16
C THR B 111 -2.94 -15.04 3.99
N VAL B 112 -3.47 -15.08 5.21
CA VAL B 112 -3.23 -16.23 6.07
C VAL B 112 -3.86 -17.49 5.49
N ASN B 113 -5.02 -17.35 4.83
CA ASN B 113 -5.72 -18.52 4.33
C ASN B 113 -5.05 -19.10 3.08
N THR B 114 -4.45 -18.25 2.25
CA THR B 114 -3.91 -18.71 0.98
C THR B 114 -2.49 -19.24 1.07
N VAL B 115 -1.81 -19.04 2.20
CA VAL B 115 -0.43 -19.51 2.34
C VAL B 115 -0.38 -21.03 2.25
N TRP B 116 -1.28 -21.70 2.96
CA TRP B 116 -1.30 -23.16 2.95
C TRP B 116 -1.57 -23.68 1.54
N PHE B 117 -2.54 -23.09 0.84
CA PHE B 117 -2.83 -23.52 -0.52
C PHE B 117 -1.63 -23.30 -1.43
N LEU B 118 -0.96 -22.15 -1.30
CA LEU B 118 0.23 -21.89 -2.09
C LEU B 118 1.28 -22.97 -1.89
N HIS B 119 1.58 -23.30 -0.64
CA HIS B 119 2.68 -24.24 -0.40
C HIS B 119 2.29 -25.66 -0.82
N LEU B 120 1.05 -26.06 -0.56
CA LEU B 120 0.61 -27.39 -0.97
C LEU B 120 0.61 -27.51 -2.49
N THR B 121 0.13 -26.49 -3.21
CA THR B 121 0.12 -26.58 -4.66
C THR B 121 1.53 -26.48 -5.22
N LEU B 122 2.45 -25.82 -4.52
CA LEU B 122 3.83 -25.82 -4.97
C LEU B 122 4.43 -27.21 -4.86
N ALA B 123 4.18 -27.90 -3.74
CA ALA B 123 4.69 -29.27 -3.60
C ALA B 123 4.05 -30.19 -4.65
N ASP B 124 2.75 -30.03 -4.89
CA ASP B 124 2.08 -30.84 -5.90
C ASP B 124 2.63 -30.57 -7.29
N PHE B 125 2.91 -29.31 -7.61
CA PHE B 125 3.46 -28.97 -8.92
C PHE B 125 4.85 -29.56 -9.09
N LEU B 126 5.67 -29.52 -8.04
CA LEU B 126 6.98 -30.16 -8.12
C LEU B 126 6.84 -31.66 -8.34
N CYS B 127 5.90 -32.30 -7.64
CA CYS B 127 5.69 -33.73 -7.84
C CYS B 127 5.26 -34.03 -9.27
N CYS B 128 4.33 -33.24 -9.82
CA CYS B 128 3.85 -33.48 -11.17
C CYS B 128 4.92 -33.19 -12.21
N LEU B 129 5.81 -32.24 -11.93
CA LEU B 129 6.91 -31.97 -12.86
C LEU B 129 7.97 -33.05 -12.79
N SER B 130 8.14 -33.68 -11.63
CA SER B 130 9.04 -34.82 -11.53
C SER B 130 8.44 -36.09 -12.11
N LEU B 131 7.11 -36.15 -12.21
CA LEU B 131 6.46 -37.36 -12.74
C LEU B 131 6.95 -37.77 -14.12
N PRO B 132 7.15 -36.88 -15.10
CA PRO B 132 7.68 -37.33 -16.40
C PRO B 132 9.03 -38.02 -16.29
N PHE B 133 9.83 -37.71 -15.27
CA PHE B 133 11.03 -38.49 -15.05
C PHE B 133 10.69 -39.94 -14.77
N SER B 134 9.66 -40.17 -13.95
CA SER B 134 9.20 -41.54 -13.72
C SER B 134 8.67 -42.15 -15.01
N LEU B 135 7.97 -41.36 -15.82
CA LEU B 135 7.45 -41.87 -17.09
C LEU B 135 8.58 -42.31 -18.00
N ALA B 136 9.65 -41.52 -18.08
CA ALA B 136 10.80 -41.88 -18.90
C ALA B 136 11.53 -43.10 -18.34
N HIS B 137 11.65 -43.18 -17.01
CA HIS B 137 12.29 -44.33 -16.39
C HIS B 137 11.52 -45.61 -16.66
N LEU B 138 10.19 -45.53 -16.63
CA LEU B 138 9.35 -46.72 -16.77
C LEU B 138 8.99 -46.96 -18.24
N ILE B 139 10.02 -47.22 -19.05
CA ILE B 139 9.74 -47.61 -20.43
C ILE B 139 10.35 -48.97 -20.74
N LEU B 140 11.68 -49.06 -20.77
CA LEU B 140 12.28 -50.34 -21.12
C LEU B 140 12.75 -51.13 -19.91
N GLN B 141 13.80 -50.63 -19.24
CA GLN B 141 14.34 -51.30 -18.07
C GLN B 141 14.40 -50.36 -16.87
N GLY B 142 14.94 -49.18 -17.08
CA GLY B 142 15.17 -48.25 -15.98
C GLY B 142 16.62 -48.20 -15.56
N HIS B 143 17.53 -48.44 -16.50
CA HIS B 143 18.97 -48.36 -16.23
C HIS B 143 19.46 -46.93 -16.14
N TRP B 144 18.55 -45.95 -16.13
CA TRP B 144 18.83 -44.55 -15.88
C TRP B 144 19.86 -43.98 -16.83
N PRO B 145 19.51 -43.75 -18.10
CA PRO B 145 20.44 -43.05 -19.00
C PRO B 145 20.46 -41.55 -18.75
N TYR B 146 20.78 -41.16 -17.51
CA TYR B 146 20.82 -39.75 -17.14
C TYR B 146 22.02 -39.35 -16.29
N GLY B 147 22.75 -40.30 -15.70
CA GLY B 147 23.93 -39.94 -14.93
C GLY B 147 23.94 -40.47 -13.51
N LEU B 148 24.85 -39.95 -12.68
CA LEU B 148 24.98 -40.37 -11.29
C LEU B 148 24.41 -39.35 -10.31
N PHE B 149 24.81 -38.08 -10.43
CA PHE B 149 24.29 -37.04 -9.54
C PHE B 149 22.79 -36.86 -9.74
N LEU B 150 22.32 -36.90 -10.99
CA LEU B 150 20.89 -36.86 -11.24
C LEU B 150 20.20 -38.08 -10.64
N CYS B 151 20.84 -39.25 -10.74
CA CYS B 151 20.30 -40.44 -10.09
C CYS B 151 20.30 -40.29 -8.57
N LYS B 152 21.18 -39.44 -8.03
CA LYS B 152 21.22 -39.21 -6.60
C LYS B 152 20.32 -38.06 -6.15
N LEU B 153 19.76 -37.30 -7.09
CA LEU B 153 18.96 -36.13 -6.75
C LEU B 153 17.48 -36.28 -7.08
N ILE B 154 17.16 -36.96 -8.19
CA ILE B 154 15.76 -37.08 -8.59
C ILE B 154 14.90 -37.80 -7.55
N PRO B 155 15.28 -39.00 -7.08
CA PRO B 155 14.43 -39.66 -6.07
C PRO B 155 14.27 -38.83 -4.80
N SER B 156 15.31 -38.11 -4.40
CA SER B 156 15.22 -37.28 -3.22
C SER B 156 14.19 -36.17 -3.42
N ILE B 157 14.21 -35.54 -4.59
CA ILE B 157 13.24 -34.48 -4.87
C ILE B 157 11.82 -35.04 -4.91
N ILE B 158 11.66 -36.22 -5.51
CA ILE B 158 10.33 -36.82 -5.60
C ILE B 158 9.78 -37.11 -4.21
N ILE B 159 10.58 -37.75 -3.36
CA ILE B 159 10.11 -38.08 -2.01
C ILE B 159 9.87 -36.80 -1.22
N LEU B 160 10.72 -35.79 -1.43
CA LEU B 160 10.54 -34.53 -0.72
C LEU B 160 9.21 -33.89 -1.06
N ASN B 161 8.87 -33.82 -2.35
CA ASN B 161 7.62 -33.15 -2.71
C ASN B 161 6.41 -33.96 -2.25
N MET B 162 6.45 -35.29 -2.39
CA MET B 162 5.32 -36.09 -1.95
C MET B 162 5.07 -35.93 -0.45
N PHE B 163 6.13 -36.07 0.35
CA PHE B 163 5.94 -36.00 1.79
C PHE B 163 5.72 -34.57 2.28
N ALA B 164 6.22 -33.58 1.56
CA ALA B 164 5.83 -32.21 1.86
C ALA B 164 4.34 -32.02 1.64
N SER B 165 3.80 -32.65 0.60
CA SER B 165 2.36 -32.57 0.36
C SER B 165 1.57 -33.16 1.53
N VAL B 166 1.94 -34.37 1.96
CA VAL B 166 1.16 -34.99 3.04
C VAL B 166 1.30 -34.20 4.33
N PHE B 167 2.52 -33.72 4.63
CA PHE B 167 2.71 -32.95 5.85
C PHE B 167 1.95 -31.63 5.81
N LEU B 168 1.90 -30.97 4.67
CA LEU B 168 1.11 -29.74 4.58
C LEU B 168 -0.38 -30.02 4.70
N LEU B 169 -0.85 -31.17 4.22
CA LEU B 169 -2.25 -31.54 4.45
C LEU B 169 -2.53 -31.67 5.94
N THR B 170 -1.64 -32.34 6.67
CA THR B 170 -1.81 -32.47 8.11
C THR B 170 -1.78 -31.10 8.79
N ALA B 171 -0.88 -30.22 8.35
CA ALA B 171 -0.80 -28.88 8.92
C ALA B 171 -2.08 -28.09 8.65
N ILE B 172 -2.66 -28.26 7.47
CA ILE B 172 -3.92 -27.59 7.16
C ILE B 172 -5.02 -28.06 8.09
N SER B 173 -5.10 -29.38 8.32
CA SER B 173 -6.12 -29.88 9.23
C SER B 173 -5.92 -29.33 10.65
N LEU B 174 -4.67 -29.30 11.12
CA LEU B 174 -4.41 -28.75 12.44
C LEU B 174 -4.80 -27.28 12.53
N ASP B 175 -4.46 -26.50 11.49
CA ASP B 175 -4.79 -25.08 11.50
C ASP B 175 -6.29 -24.85 11.51
N ARG B 176 -7.04 -25.64 10.73
CA ARG B 176 -8.49 -25.50 10.71
C ARG B 176 -9.09 -25.81 12.09
N CYS B 177 -8.64 -26.90 12.71
CA CYS B 177 -9.17 -27.24 14.03
C CYS B 177 -8.82 -26.17 15.06
N LEU B 178 -7.59 -25.64 15.00
CA LEU B 178 -7.19 -24.60 15.95
C LEU B 178 -8.01 -23.33 15.74
N ILE B 179 -8.32 -23.00 14.49
CA ILE B 179 -9.15 -21.83 14.20
C ILE B 179 -10.54 -22.02 14.79
N VAL B 180 -11.11 -23.22 14.62
CA VAL B 180 -12.47 -23.45 15.10
C VAL B 180 -12.52 -23.42 16.63
N HIS B 181 -11.61 -24.16 17.29
CA HIS B 181 -11.74 -24.38 18.72
C HIS B 181 -11.25 -23.21 19.58
N LYS B 182 -10.22 -22.50 19.15
CA LYS B 182 -9.68 -21.38 19.91
C LYS B 182 -9.63 -20.15 19.01
N PRO B 183 -10.77 -19.53 18.75
CA PRO B 183 -10.79 -18.35 17.88
C PRO B 183 -10.00 -17.17 18.42
N ILE B 184 -10.00 -16.97 19.73
CA ILE B 184 -9.32 -15.81 20.30
C ILE B 184 -7.82 -15.90 20.06
N TRP B 185 -7.25 -17.08 20.28
CA TRP B 185 -5.81 -17.24 20.13
C TRP B 185 -5.38 -17.03 18.68
N CYS B 186 -6.13 -17.58 17.73
CA CYS B 186 -5.80 -17.39 16.33
C CYS B 186 -5.99 -15.94 15.90
N GLN B 187 -7.03 -15.28 16.42
CA GLN B 187 -7.26 -13.88 16.09
C GLN B 187 -6.15 -12.99 16.65
N ASN B 188 -5.62 -13.33 17.82
CA ASN B 188 -4.75 -12.42 18.55
C ASN B 188 -3.27 -12.74 18.38
N HIS B 189 -2.91 -13.94 17.90
CA HIS B 189 -1.51 -14.29 17.75
C HIS B 189 -1.15 -14.96 16.43
N ARG B 190 -2.10 -15.19 15.53
CA ARG B 190 -1.83 -15.91 14.29
C ARG B 190 -1.95 -14.95 13.11
N ASN B 191 -0.91 -14.92 12.28
CA ASN B 191 -0.85 -14.02 11.14
C ASN B 191 -0.05 -14.70 10.03
N VAL B 192 0.35 -13.91 9.03
CA VAL B 192 1.05 -14.47 7.87
C VAL B 192 2.44 -14.95 8.26
N ARG B 193 3.12 -14.22 9.14
CA ARG B 193 4.48 -14.59 9.51
C ARG B 193 4.51 -15.92 10.25
N THR B 194 3.57 -16.14 11.16
CA THR B 194 3.52 -17.41 11.89
C THR B 194 3.24 -18.57 10.94
N ALA B 195 2.33 -18.35 9.98
CA ALA B 195 2.03 -19.39 9.00
C ALA B 195 3.26 -19.70 8.17
N PHE B 196 4.01 -18.68 7.76
CA PHE B 196 5.23 -18.92 7.01
C PHE B 196 6.24 -19.69 7.85
N ALA B 197 6.34 -19.36 9.13
CA ALA B 197 7.30 -20.05 10.00
C ALA B 197 6.95 -21.53 10.14
N ILE B 198 5.68 -21.84 10.40
CA ILE B 198 5.31 -23.23 10.59
C ILE B 198 5.41 -24.00 9.26
N CYS B 199 5.09 -23.34 8.14
CA CYS B 199 5.25 -24.00 6.84
C CYS B 199 6.71 -24.28 6.53
N GLY B 200 7.60 -23.34 6.86
CA GLY B 200 9.02 -23.58 6.69
C GLY B 200 9.50 -24.72 7.55
N CYS B 201 8.98 -24.82 8.77
CA CYS B 201 9.33 -25.96 9.62
C CYS B 201 8.88 -27.26 8.99
N VAL B 202 7.69 -27.27 8.38
CA VAL B 202 7.21 -28.48 7.70
C VAL B 202 8.14 -28.85 6.56
N TRP B 203 8.54 -27.87 5.75
CA TRP B 203 9.46 -28.12 4.65
C TRP B 203 10.79 -28.66 5.17
N VAL B 204 11.29 -28.11 6.27
CA VAL B 204 12.55 -28.58 6.85
C VAL B 204 12.43 -30.01 7.31
N VAL B 205 11.30 -30.36 7.94
CA VAL B 205 11.11 -31.74 8.39
C VAL B 205 11.08 -32.69 7.20
N ALA B 206 10.41 -32.28 6.11
CA ALA B 206 10.40 -33.11 4.90
C ALA B 206 11.80 -33.30 4.35
N PHE B 207 12.59 -32.22 4.30
CA PHE B 207 13.96 -32.33 3.81
C PHE B 207 14.79 -33.24 4.70
N VAL B 208 14.62 -33.14 6.01
CA VAL B 208 15.37 -33.97 6.94
C VAL B 208 15.02 -35.45 6.74
N MET B 209 13.73 -35.74 6.61
CA MET B 209 13.35 -37.14 6.41
C MET B 209 13.73 -37.65 5.03
N CYS B 210 13.99 -36.75 4.08
CA CYS B 210 14.46 -37.17 2.76
C CYS B 210 15.98 -37.17 2.63
N VAL B 211 16.69 -36.67 3.64
CA VAL B 211 18.15 -36.73 3.70
C VAL B 211 18.67 -38.16 3.49
N PRO B 212 18.06 -39.19 4.10
CA PRO B 212 18.54 -40.56 3.80
C PRO B 212 18.49 -40.90 2.32
N VAL B 213 17.47 -40.42 1.61
CA VAL B 213 17.38 -40.65 0.18
C VAL B 213 18.57 -40.02 -0.53
N PHE B 214 18.90 -38.78 -0.18
CA PHE B 214 20.02 -38.11 -0.82
C PHE B 214 21.33 -38.81 -0.52
N VAL B 215 21.52 -39.26 0.72
CA VAL B 215 22.78 -39.90 1.08
C VAL B 215 22.87 -41.34 0.62
N TYR B 216 21.77 -41.93 0.13
CA TYR B 216 21.82 -43.30 -0.35
C TYR B 216 21.47 -43.47 -1.83
N ARG B 217 20.81 -42.50 -2.45
CA ARG B 217 20.51 -42.62 -3.88
C ARG B 217 21.79 -42.52 -4.69
N ASP B 218 22.00 -43.50 -5.57
CA ASP B 218 23.26 -43.59 -6.31
C ASP B 218 23.10 -44.61 -7.44
N LEU B 219 23.84 -44.39 -8.52
CA LEU B 219 23.97 -45.36 -9.60
C LEU B 219 25.02 -46.40 -9.23
N PHE B 220 24.70 -47.18 -8.20
CA PHE B 220 25.69 -48.04 -7.56
C PHE B 220 26.18 -49.13 -8.50
N ILE B 221 25.27 -49.99 -8.97
CA ILE B 221 25.66 -51.09 -9.82
C ILE B 221 26.09 -50.59 -11.20
N MET B 222 25.16 -49.95 -11.91
CA MET B 222 25.44 -49.26 -13.17
C MET B 222 26.11 -50.18 -14.19
N ASP B 223 25.38 -51.23 -14.57
CA ASP B 223 25.88 -52.16 -15.59
C ASP B 223 24.81 -52.46 -16.63
N ILE B 227 21.07 -48.95 -13.45
CA ILE B 227 20.24 -49.31 -12.32
C ILE B 227 20.52 -48.39 -11.14
N CYS B 228 19.52 -47.58 -10.77
CA CYS B 228 19.65 -46.68 -9.63
C CYS B 228 19.36 -47.48 -8.36
N ARG B 229 20.37 -48.19 -7.88
CA ARG B 229 20.22 -48.98 -6.66
C ARG B 229 20.10 -48.07 -5.44
N TYR B 230 19.25 -48.47 -4.50
CA TYR B 230 19.10 -47.78 -3.23
C TYR B 230 20.14 -48.31 -2.27
N ASN B 231 20.98 -47.42 -1.72
CA ASN B 231 22.09 -47.86 -0.89
C ASN B 231 21.60 -48.28 0.49
N PHE B 232 22.05 -49.45 0.94
CA PHE B 232 21.80 -49.92 2.29
C PHE B 232 23.09 -50.53 2.86
N ASP B 233 24.18 -49.78 2.71
CA ASP B 233 25.50 -50.23 3.14
C ASP B 233 25.55 -50.53 4.62
N VAL B 378 18.56 -59.84 5.21
CA VAL B 378 17.82 -58.65 4.79
C VAL B 378 18.36 -57.45 5.56
N PRO B 379 18.57 -56.33 4.87
CA PRO B 379 19.20 -55.17 5.52
C PRO B 379 18.35 -54.61 6.64
N THR B 380 18.94 -54.55 7.84
CA THR B 380 18.30 -53.85 8.94
C THR B 380 18.08 -52.36 8.65
N PRO B 381 19.01 -51.62 8.05
CA PRO B 381 18.70 -50.22 7.70
C PRO B 381 17.49 -50.09 6.80
N LEU B 382 17.25 -51.06 5.92
CA LEU B 382 16.03 -51.05 5.12
C LEU B 382 14.80 -51.14 6.01
N MET B 383 14.85 -51.99 7.04
CA MET B 383 13.75 -52.08 8.00
C MET B 383 13.54 -50.73 8.68
N ALA B 384 14.63 -50.11 9.13
CA ALA B 384 14.50 -48.82 9.82
C ALA B 384 13.92 -47.76 8.90
N ILE B 385 14.39 -47.70 7.65
CA ILE B 385 13.91 -46.69 6.72
C ILE B 385 12.42 -46.90 6.44
N THR B 386 12.02 -48.15 6.19
CA THR B 386 10.61 -48.40 5.91
C THR B 386 9.75 -48.09 7.13
N ILE B 387 10.25 -48.39 8.32
CA ILE B 387 9.48 -48.12 9.53
C ILE B 387 9.27 -46.62 9.72
N THR B 388 10.34 -45.84 9.60
CA THR B 388 10.19 -44.39 9.77
C THR B 388 9.31 -43.80 8.69
N ARG B 389 9.47 -44.26 7.45
CA ARG B 389 8.63 -43.78 6.36
C ARG B 389 7.16 -44.04 6.66
N LEU B 390 6.82 -45.30 6.95
CA LEU B 390 5.44 -45.66 7.23
C LEU B 390 4.88 -44.85 8.39
N VAL B 391 5.59 -44.85 9.53
CA VAL B 391 5.07 -44.17 10.71
C VAL B 391 4.82 -42.71 10.42
N VAL B 392 5.89 -41.96 10.11
CA VAL B 392 5.77 -40.51 10.07
C VAL B 392 5.01 -40.05 8.84
N GLY B 393 4.87 -40.89 7.81
CA GLY B 393 4.17 -40.45 6.63
C GLY B 393 2.73 -40.89 6.55
N PHE B 394 2.34 -41.92 7.29
CA PHE B 394 0.97 -42.42 7.24
C PHE B 394 0.28 -42.36 8.59
N LEU B 395 0.88 -42.91 9.65
CA LEU B 395 0.10 -43.15 10.87
C LEU B 395 -0.14 -41.85 11.63
N VAL B 396 0.92 -41.10 11.91
CA VAL B 396 0.76 -39.84 12.63
C VAL B 396 -0.10 -38.83 11.87
N PRO B 397 0.17 -38.53 10.59
CA PRO B 397 -0.73 -37.61 9.88
C PRO B 397 -2.16 -38.09 9.83
N PHE B 398 -2.39 -39.39 9.68
CA PHE B 398 -3.76 -39.88 9.59
C PHE B 398 -4.50 -39.68 10.90
N PHE B 399 -3.88 -40.04 12.03
CA PHE B 399 -4.54 -39.83 13.32
C PHE B 399 -4.76 -38.36 13.60
N ILE B 400 -3.76 -37.51 13.33
CA ILE B 400 -3.92 -36.09 13.61
C ILE B 400 -5.04 -35.50 12.76
N MET B 401 -5.06 -35.82 11.48
CA MET B 401 -6.10 -35.30 10.59
C MET B 401 -7.47 -35.82 10.97
N VAL B 402 -7.58 -37.11 11.29
CA VAL B 402 -8.87 -37.69 11.66
C VAL B 402 -9.38 -37.07 12.95
N ILE B 403 -8.51 -36.93 13.94
CA ILE B 403 -8.92 -36.31 15.21
C ILE B 403 -9.36 -34.87 14.98
N CYS B 404 -8.59 -34.11 14.19
CA CYS B 404 -8.94 -32.71 13.97
C CYS B 404 -10.28 -32.56 13.26
N TYR B 405 -10.51 -33.34 12.20
CA TYR B 405 -11.77 -33.21 11.46
C TYR B 405 -12.94 -33.76 12.28
N SER B 406 -12.72 -34.83 13.05
CA SER B 406 -13.77 -35.33 13.93
C SER B 406 -14.15 -34.30 14.98
N LEU B 407 -13.16 -33.64 15.58
CA LEU B 407 -13.46 -32.59 16.55
C LEU B 407 -14.16 -31.42 15.89
N ILE B 408 -13.75 -31.06 14.67
CA ILE B 408 -14.42 -29.97 13.97
C ILE B 408 -15.88 -30.28 13.77
N VAL B 409 -16.19 -31.48 13.28
CA VAL B 409 -17.59 -31.80 13.01
C VAL B 409 -18.37 -31.96 14.33
N PHE B 410 -17.74 -32.51 15.36
CA PHE B 410 -18.42 -32.66 16.65
C PHE B 410 -18.76 -31.30 17.25
N ARG B 411 -17.83 -30.34 17.18
CA ARG B 411 -18.11 -29.00 17.68
C ARG B 411 -19.14 -28.30 16.82
N MET B 412 -19.08 -28.50 15.49
CA MET B 412 -20.04 -27.88 14.60
C MET B 412 -21.42 -28.51 14.70
N ARG B 413 -21.54 -29.63 15.40
CA ARG B 413 -22.85 -30.22 15.64
C ARG B 413 -23.48 -29.63 16.91
N LYS B 414 -23.09 -28.40 17.27
CA LYS B 414 -23.57 -27.76 18.49
C LYS B 414 -24.52 -26.61 18.19
N THR B 415 -25.25 -26.69 17.07
CA THR B 415 -26.43 -25.87 16.80
C THR B 415 -26.05 -24.42 16.53
N ASN B 416 -24.77 -24.06 16.69
CA ASN B 416 -24.31 -22.73 16.32
C ASN B 416 -23.97 -22.72 14.83
N PHE B 417 -23.96 -23.90 14.22
CA PHE B 417 -23.55 -24.04 12.83
C PHE B 417 -24.69 -24.72 12.08
N THR B 418 -25.66 -23.92 11.64
CA THR B 418 -26.84 -24.45 10.96
C THR B 418 -26.77 -24.36 9.44
N LYS B 419 -25.74 -23.72 8.88
CA LYS B 419 -25.63 -23.56 7.44
C LYS B 419 -24.35 -24.14 6.85
N SER B 420 -23.50 -24.76 7.67
CA SER B 420 -22.22 -25.25 7.20
C SER B 420 -21.90 -26.68 7.65
N ARG B 421 -22.78 -27.32 8.42
CA ARG B 421 -22.48 -28.66 8.90
C ARG B 421 -22.41 -29.66 7.75
N ASN B 422 -23.34 -29.58 6.79
CA ASN B 422 -23.34 -30.52 5.68
C ASN B 422 -22.10 -30.37 4.81
N LYS B 423 -21.77 -29.12 4.44
CA LYS B 423 -20.60 -28.90 3.60
C LYS B 423 -19.32 -29.32 4.31
N THR B 424 -19.21 -28.98 5.60
CA THR B 424 -18.03 -29.37 6.37
C THR B 424 -17.90 -30.88 6.47
N PHE B 425 -19.02 -31.57 6.73
CA PHE B 425 -18.99 -33.02 6.82
C PHE B 425 -18.57 -33.65 5.50
N ARG B 426 -19.15 -33.17 4.39
CA ARG B 426 -18.80 -33.71 3.09
C ARG B 426 -17.34 -33.48 2.76
N VAL B 427 -16.84 -32.27 3.01
CA VAL B 427 -15.43 -31.98 2.72
C VAL B 427 -14.52 -32.84 3.58
N ALA B 428 -14.84 -32.98 4.87
CA ALA B 428 -13.98 -33.76 5.75
C ALA B 428 -13.93 -35.22 5.31
N VAL B 429 -15.09 -35.81 5.05
CA VAL B 429 -15.11 -37.21 4.66
C VAL B 429 -14.41 -37.40 3.32
N ALA B 430 -14.63 -36.46 2.38
CA ALA B 430 -14.00 -36.59 1.07
C ALA B 430 -12.49 -36.51 1.19
N VAL B 431 -11.98 -35.55 1.97
CA VAL B 431 -10.54 -35.38 2.10
C VAL B 431 -9.90 -36.61 2.73
N VAL B 432 -10.50 -37.10 3.84
CA VAL B 432 -9.87 -38.21 4.54
C VAL B 432 -9.96 -39.49 3.70
N THR B 433 -11.10 -39.73 3.03
CA THR B 433 -11.21 -40.95 2.24
C THR B 433 -10.30 -40.91 1.01
N VAL B 434 -10.13 -39.72 0.40
CA VAL B 434 -9.21 -39.60 -0.72
C VAL B 434 -7.79 -39.87 -0.26
N PHE B 435 -7.40 -39.31 0.89
CA PHE B 435 -6.08 -39.54 1.43
C PHE B 435 -5.85 -41.03 1.70
N PHE B 436 -6.85 -41.71 2.27
CA PHE B 436 -6.73 -43.13 2.57
C PHE B 436 -6.56 -43.94 1.30
N ILE B 437 -7.49 -43.78 0.34
CA ILE B 437 -7.44 -44.58 -0.88
C ILE B 437 -6.27 -44.22 -1.77
N CYS B 438 -5.61 -43.08 -1.53
CA CYS B 438 -4.44 -42.75 -2.32
C CYS B 438 -3.15 -43.25 -1.69
N TRP B 439 -3.04 -43.24 -0.36
CA TRP B 439 -1.77 -43.57 0.26
C TRP B 439 -1.70 -44.95 0.89
N THR B 440 -2.83 -45.60 1.18
CA THR B 440 -2.79 -46.92 1.79
C THR B 440 -2.08 -47.96 0.92
N PRO B 441 -2.35 -48.07 -0.38
CA PRO B 441 -1.65 -49.10 -1.17
C PRO B 441 -0.15 -48.94 -1.15
N TYR B 442 0.35 -47.71 -1.13
CA TYR B 442 1.77 -47.42 -1.14
C TYR B 442 2.48 -48.12 0.00
N HIS B 443 2.14 -47.76 1.24
CA HIS B 443 2.85 -48.36 2.38
C HIS B 443 2.42 -49.80 2.60
N LEU B 444 1.19 -50.15 2.21
CA LEU B 444 0.78 -51.55 2.30
C LEU B 444 1.71 -52.45 1.50
N VAL B 445 1.93 -52.13 0.22
CA VAL B 445 2.83 -52.94 -0.57
C VAL B 445 4.28 -52.75 -0.13
N GLY B 446 4.62 -51.55 0.36
CA GLY B 446 5.96 -51.33 0.86
C GLY B 446 6.34 -52.27 1.98
N VAL B 447 5.39 -52.55 2.88
CA VAL B 447 5.64 -53.54 3.92
C VAL B 447 5.33 -54.96 3.48
N LEU B 448 4.51 -55.15 2.44
CA LEU B 448 4.19 -56.49 1.98
C LEU B 448 5.37 -57.12 1.24
N LEU B 449 6.00 -56.37 0.34
CA LEU B 449 7.14 -56.91 -0.41
C LEU B 449 8.40 -56.97 0.44
N LEU B 450 8.40 -56.36 1.61
CA LEU B 450 9.56 -56.34 2.48
C LEU B 450 9.61 -57.54 3.43
N ILE B 451 8.55 -58.33 3.50
CA ILE B 451 8.48 -59.49 4.38
C ILE B 451 8.59 -60.75 3.54
N THR B 452 9.47 -61.67 3.98
CA THR B 452 9.67 -62.98 3.38
C THR B 452 10.22 -62.91 1.95
N ASP B 453 10.63 -64.06 1.43
CA ASP B 453 11.13 -64.15 0.06
C ASP B 453 9.98 -63.97 -0.91
N PRO B 454 10.05 -63.02 -1.86
CA PRO B 454 8.94 -62.81 -2.79
C PRO B 454 8.84 -63.90 -3.84
N GLU B 455 9.56 -65.00 -3.65
CA GLU B 455 9.51 -66.11 -4.60
C GLU B 455 8.11 -66.68 -4.72
N SER B 456 7.30 -66.53 -3.68
CA SER B 456 5.93 -67.02 -3.73
C SER B 456 5.11 -66.20 -4.72
N SER B 457 3.92 -66.72 -5.05
CA SER B 457 3.03 -66.01 -5.98
C SER B 457 2.60 -64.67 -5.40
N LEU B 458 2.46 -64.60 -4.07
CA LEU B 458 2.14 -63.32 -3.45
C LEU B 458 3.24 -62.29 -3.67
N GLY B 459 4.50 -62.73 -3.59
CA GLY B 459 5.60 -61.81 -3.85
C GLY B 459 5.59 -61.27 -5.27
N GLU B 460 5.35 -62.16 -6.24
CA GLU B 460 5.21 -61.71 -7.62
C GLU B 460 4.03 -60.75 -7.76
N ALA B 461 2.92 -61.06 -7.09
CA ALA B 461 1.74 -60.21 -7.20
C ALA B 461 2.03 -58.81 -6.66
N VAL B 462 2.68 -58.71 -5.50
CA VAL B 462 2.93 -57.41 -4.92
C VAL B 462 3.98 -56.65 -5.73
N MET B 463 4.98 -57.36 -6.25
CA MET B 463 5.92 -56.70 -7.15
C MET B 463 5.20 -56.13 -8.36
N SER B 464 4.24 -56.88 -8.91
CA SER B 464 3.48 -56.40 -10.05
C SER B 464 2.65 -55.17 -9.67
N TRP B 465 2.01 -55.19 -8.50
CA TRP B 465 1.19 -54.06 -8.13
C TRP B 465 2.01 -52.86 -7.68
N ASP B 466 3.33 -53.00 -7.54
CA ASP B 466 4.13 -51.88 -7.07
C ASP B 466 4.01 -50.66 -7.98
N HIS B 467 3.94 -50.88 -9.30
CA HIS B 467 3.82 -49.74 -10.21
C HIS B 467 2.49 -49.02 -10.02
N MET B 468 1.40 -49.76 -9.93
CA MET B 468 0.11 -49.14 -9.66
C MET B 468 0.11 -48.47 -8.30
N SER B 469 0.90 -49.00 -7.36
CA SER B 469 0.99 -48.42 -6.03
C SER B 469 1.64 -47.04 -6.07
N ILE B 470 2.78 -46.94 -6.76
CA ILE B 470 3.42 -45.63 -6.88
C ILE B 470 2.58 -44.69 -7.72
N ALA B 471 1.83 -45.23 -8.70
CA ALA B 471 0.91 -44.40 -9.47
C ALA B 471 -0.17 -43.79 -8.59
N LEU B 472 -0.76 -44.62 -7.71
CA LEU B 472 -1.78 -44.12 -6.80
C LEU B 472 -1.20 -43.11 -5.84
N ALA B 473 0.03 -43.34 -5.38
CA ALA B 473 0.69 -42.38 -4.51
C ALA B 473 0.86 -41.04 -5.21
N SER B 474 1.27 -41.07 -6.48
CA SER B 474 1.52 -39.83 -7.19
C SER B 474 0.22 -39.09 -7.54
N ALA B 475 -0.86 -39.83 -7.83
CA ALA B 475 -2.09 -39.19 -8.27
C ALA B 475 -2.70 -38.26 -7.23
N ASN B 476 -2.33 -38.44 -5.95
CA ASN B 476 -2.84 -37.53 -4.92
C ASN B 476 -2.41 -36.10 -5.20
N SER B 477 -1.26 -35.92 -5.85
CA SER B 477 -0.80 -34.57 -6.17
C SER B 477 -1.77 -33.86 -7.10
N CYS B 478 -2.30 -34.57 -8.10
CA CYS B 478 -3.27 -33.98 -8.99
C CYS B 478 -4.66 -33.89 -8.36
N PHE B 479 -5.01 -34.81 -7.46
CA PHE B 479 -6.31 -34.74 -6.82
C PHE B 479 -6.41 -33.62 -5.78
N ASN B 480 -5.29 -33.24 -5.16
CA ASN B 480 -5.33 -32.26 -4.08
C ASN B 480 -5.89 -30.90 -4.49
N PRO B 481 -5.47 -30.28 -5.61
CA PRO B 481 -5.90 -28.89 -5.85
C PRO B 481 -7.41 -28.71 -5.92
N PHE B 482 -8.12 -29.58 -6.63
CA PHE B 482 -9.57 -29.43 -6.72
C PHE B 482 -10.22 -29.54 -5.34
N LEU B 483 -9.75 -30.48 -4.51
CA LEU B 483 -10.36 -30.69 -3.22
C LEU B 483 -10.00 -29.62 -2.20
N TYR B 484 -8.90 -28.89 -2.39
CA TYR B 484 -8.43 -27.97 -1.37
C TYR B 484 -8.52 -26.50 -1.79
N ALA B 485 -7.93 -26.12 -2.91
CA ALA B 485 -7.87 -24.71 -3.27
C ALA B 485 -9.15 -24.26 -3.97
N LEU B 486 -9.73 -25.11 -4.81
CA LEU B 486 -10.94 -24.77 -5.56
C LEU B 486 -12.19 -25.08 -4.72
N LEU B 487 -12.21 -24.50 -3.53
CA LEU B 487 -13.36 -24.58 -2.63
C LEU B 487 -13.86 -23.22 -2.21
N GLY B 488 -12.98 -22.26 -1.98
CA GLY B 488 -13.41 -20.92 -1.63
C GLY B 488 -14.09 -20.24 -2.80
N LYS B 489 -15.11 -19.44 -2.49
CA LYS B 489 -15.83 -18.73 -3.54
C LYS B 489 -14.92 -17.71 -4.23
N ASP B 490 -14.10 -17.00 -3.46
CA ASP B 490 -13.20 -16.01 -4.04
C ASP B 490 -12.19 -16.67 -4.97
N PHE B 491 -11.60 -17.79 -4.54
CA PHE B 491 -10.65 -18.50 -5.39
C PHE B 491 -11.34 -19.09 -6.62
N ARG B 492 -12.57 -19.56 -6.47
CA ARG B 492 -13.32 -20.08 -7.61
C ARG B 492 -13.55 -18.97 -8.64
N LYS B 493 -13.95 -17.79 -8.17
CA LYS B 493 -14.16 -16.67 -9.09
C LYS B 493 -12.86 -16.25 -9.76
N LYS B 494 -11.76 -16.22 -8.98
CA LYS B 494 -10.48 -15.84 -9.56
C LYS B 494 -10.03 -16.83 -10.63
N ALA B 495 -10.20 -18.13 -10.36
CA ALA B 495 -9.83 -19.14 -11.34
C ALA B 495 -10.71 -19.05 -12.58
N ARG B 496 -12.01 -18.79 -12.40
CA ARG B 496 -12.88 -18.62 -13.56
C ARG B 496 -12.48 -17.41 -14.39
N GLN B 497 -12.12 -16.30 -13.73
CA GLN B 497 -11.72 -15.11 -14.47
C GLN B 497 -10.40 -15.32 -15.20
N SER B 498 -9.45 -15.98 -14.56
CA SER B 498 -8.15 -16.19 -15.19
C SER B 498 -8.27 -17.08 -16.43
N ILE B 499 -9.13 -18.09 -16.37
CA ILE B 499 -9.35 -18.97 -17.52
C ILE B 499 -10.07 -18.23 -18.62
N SER C 18 25.52 5.04 -7.65
CA SER C 18 25.47 4.10 -6.54
C SER C 18 26.41 4.52 -5.42
N ALA C 19 26.66 5.82 -5.31
CA ALA C 19 27.53 6.32 -4.26
C ALA C 19 26.78 6.45 -2.94
N GLU C 20 25.78 7.33 -2.89
CA GLU C 20 24.89 7.44 -1.75
C GLU C 20 23.49 6.96 -2.06
N GLU C 21 23.29 6.33 -3.23
CA GLU C 21 22.04 5.64 -3.49
C GLU C 21 21.92 4.36 -2.68
N ARG C 22 23.05 3.78 -2.27
CA ARG C 22 23.01 2.60 -1.41
C ARG C 22 22.40 2.93 -0.05
N ALA C 23 22.76 4.08 0.52
CA ALA C 23 22.19 4.47 1.79
C ALA C 23 20.69 4.76 1.64
N ALA C 24 20.29 5.33 0.51
CA ALA C 24 18.87 5.53 0.25
C ALA C 24 18.14 4.20 0.17
N LEU C 25 18.75 3.22 -0.49
CA LEU C 25 18.14 1.89 -0.56
C LEU C 25 18.00 1.27 0.81
N GLU C 26 19.03 1.42 1.65
CA GLU C 26 18.96 0.91 3.01
C GLU C 26 17.84 1.59 3.81
N ARG C 27 17.72 2.91 3.66
CA ARG C 27 16.65 3.63 4.35
C ARG C 27 15.28 3.17 3.89
N SER C 28 15.11 2.98 2.58
CA SER C 28 13.84 2.51 2.06
C SER C 28 13.51 1.11 2.59
N LYS C 29 14.50 0.22 2.64
CA LYS C 29 14.27 -1.11 3.17
C LYS C 29 13.89 -1.05 4.65
N ALA C 30 14.57 -0.20 5.43
CA ALA C 30 14.27 -0.10 6.85
C ALA C 30 12.85 0.40 7.08
N ILE C 31 12.43 1.43 6.34
CA ILE C 31 11.10 1.94 6.59
C ILE C 31 10.03 1.01 6.02
N GLU C 32 10.37 0.23 4.99
CA GLU C 32 9.45 -0.81 4.53
C GLU C 32 9.24 -1.86 5.62
N LYS C 33 10.33 -2.26 6.28
CA LYS C 33 10.20 -3.22 7.38
C LYS C 33 9.37 -2.66 8.52
N ASN C 34 9.56 -1.38 8.84
CA ASN C 34 8.74 -0.77 9.89
C ASN C 34 7.27 -0.71 9.48
N LEU C 35 6.99 -0.43 8.20
CA LEU C 35 5.61 -0.46 7.73
C LEU C 35 5.00 -1.84 7.91
N LYS C 36 5.76 -2.89 7.56
CA LYS C 36 5.24 -4.25 7.71
C LYS C 36 4.97 -4.58 9.18
N GLU C 37 5.89 -4.20 10.07
CA GLU C 37 5.69 -4.47 11.48
C GLU C 37 4.47 -3.74 12.02
N ASP C 38 4.30 -2.47 11.64
CA ASP C 38 3.15 -1.70 12.10
C ASP C 38 1.85 -2.31 11.58
N GLY C 39 1.85 -2.77 10.34
CA GLY C 39 0.65 -3.41 9.80
C GLY C 39 0.30 -4.68 10.54
N ILE C 40 1.29 -5.50 10.83
CA ILE C 40 1.03 -6.75 11.57
C ILE C 40 0.52 -6.43 12.97
N SER C 41 1.10 -5.42 13.62
CA SER C 41 0.62 -5.02 14.95
C SER C 41 -0.82 -4.53 14.90
N ALA C 42 -1.17 -3.78 13.85
CA ALA C 42 -2.52 -3.22 13.76
C ALA C 42 -3.56 -4.27 13.37
N ALA C 43 -3.16 -5.31 12.63
CA ALA C 43 -4.12 -6.29 12.13
C ALA C 43 -4.76 -7.13 13.22
N LYS C 44 -4.21 -7.11 14.45
CA LYS C 44 -4.79 -7.92 15.52
C LYS C 44 -6.10 -7.33 16.05
N ASP C 45 -6.26 -6.01 15.94
CA ASP C 45 -7.40 -5.36 16.58
C ASP C 45 -8.71 -5.71 15.90
N VAL C 46 -9.78 -5.69 16.69
CA VAL C 46 -11.13 -5.96 16.22
C VAL C 46 -11.83 -4.63 15.99
N LYS C 47 -12.47 -4.48 14.83
CA LYS C 47 -13.12 -3.24 14.44
C LYS C 47 -14.62 -3.44 14.35
N LEU C 48 -15.37 -2.65 15.09
CA LEU C 48 -16.82 -2.60 15.02
C LEU C 48 -17.24 -1.22 14.53
N LEU C 49 -18.50 -1.11 14.11
CA LEU C 49 -19.02 0.15 13.59
C LEU C 49 -20.33 0.46 14.30
N LEU C 50 -20.44 1.66 14.86
CA LEU C 50 -21.64 2.11 15.53
C LEU C 50 -22.59 2.77 14.55
N LEU C 51 -23.86 2.42 14.65
CA LEU C 51 -24.89 3.01 13.82
C LEU C 51 -26.18 3.09 14.61
N GLY C 52 -27.02 4.07 14.28
CA GLY C 52 -28.30 4.22 14.95
C GLY C 52 -28.85 5.60 14.77
N ALA C 53 -30.11 5.74 15.15
CA ALA C 53 -30.79 7.02 15.09
C ALA C 53 -30.28 7.93 16.22
N ASP C 54 -30.65 9.21 16.14
CA ASP C 54 -30.23 10.17 17.14
C ASP C 54 -30.86 9.85 18.49
N ASN C 55 -30.06 9.95 19.55
CA ASN C 55 -30.50 9.71 20.92
C ASN C 55 -31.04 8.30 21.11
N SER C 56 -30.61 7.37 20.26
CA SER C 56 -31.09 5.99 20.35
C SER C 56 -30.46 5.24 21.51
N GLY C 57 -29.32 5.70 22.00
CA GLY C 57 -28.66 5.02 23.10
C GLY C 57 -27.24 4.62 22.77
N LYS C 58 -26.73 5.09 21.64
CA LYS C 58 -25.35 4.80 21.27
C LYS C 58 -24.38 5.37 22.30
N SER C 59 -24.63 6.59 22.75
CA SER C 59 -23.75 7.22 23.74
C SER C 59 -23.74 6.44 25.05
N THR C 60 -24.90 5.97 25.49
CA THR C 60 -24.97 5.25 26.76
C THR C 60 -24.14 3.96 26.71
N ILE C 61 -24.27 3.19 25.63
CA ILE C 61 -23.55 1.92 25.58
C ILE C 61 -22.10 2.09 25.15
N VAL C 62 -21.72 3.25 24.61
CA VAL C 62 -20.30 3.48 24.37
C VAL C 62 -19.62 4.06 25.61
N LYS C 63 -20.35 4.73 26.48
CA LYS C 63 -19.80 5.22 27.73
C LYS C 63 -19.78 4.15 28.81
N GLN C 64 -20.75 3.24 28.82
CA GLN C 64 -20.77 2.16 29.79
C GLN C 64 -19.61 1.19 29.59
N MET C 65 -18.97 1.22 28.43
CA MET C 65 -17.79 0.42 28.17
C MET C 65 -16.51 1.24 28.31
N LYS C 66 -16.61 2.47 28.81
CA LYS C 66 -15.47 3.28 29.22
C LYS C 66 -14.57 3.68 28.05
N ILE C 67 -13.61 4.56 28.34
CA ILE C 67 -12.65 5.05 27.35
C ILE C 67 -13.34 5.61 26.12
N THR C 79 -16.50 17.30 16.48
CA THR C 79 -17.72 16.92 15.77
C THR C 79 -17.42 15.86 14.71
N GLY C 80 -16.18 15.38 14.69
CA GLY C 80 -15.76 14.41 13.72
C GLY C 80 -16.11 13.00 14.15
N ILE C 81 -15.34 12.06 13.62
CA ILE C 81 -15.52 10.65 13.95
C ILE C 81 -14.87 10.38 15.31
N VAL C 82 -15.61 9.70 16.19
CA VAL C 82 -15.15 9.44 17.55
C VAL C 82 -14.80 7.96 17.65
N GLU C 83 -13.54 7.67 17.96
CA GLU C 83 -13.05 6.30 18.08
C GLU C 83 -12.83 5.95 19.54
N THR C 84 -13.36 4.80 19.95
CA THR C 84 -13.25 4.32 21.33
C THR C 84 -12.66 2.92 21.32
N HIS C 85 -11.64 2.71 22.14
CA HIS C 85 -10.91 1.45 22.20
C HIS C 85 -10.93 0.91 23.62
N PHE C 86 -11.20 -0.38 23.75
CA PHE C 86 -11.08 -1.03 25.05
C PHE C 86 -10.77 -2.51 24.82
N THR C 87 -10.13 -3.11 25.81
CA THR C 87 -9.72 -4.51 25.75
C THR C 87 -10.58 -5.34 26.68
N PHE C 88 -11.14 -6.43 26.17
CA PHE C 88 -12.05 -7.27 26.93
C PHE C 88 -11.76 -8.73 26.61
N LYS C 89 -11.17 -9.45 27.57
CA LYS C 89 -10.87 -10.87 27.45
C LYS C 89 -10.01 -11.15 26.21
N ASN C 90 -8.82 -10.55 26.22
CA ASN C 90 -7.80 -10.78 25.21
C ASN C 90 -8.24 -10.36 23.82
N LEU C 91 -9.08 -9.34 23.73
CA LEU C 91 -9.49 -8.76 22.45
C LEU C 91 -9.47 -7.25 22.55
N HIS C 92 -8.91 -6.61 21.54
CA HIS C 92 -8.82 -5.15 21.50
C HIS C 92 -9.86 -4.64 20.50
N PHE C 93 -10.89 -3.97 21.02
CA PHE C 93 -11.97 -3.47 20.20
C PHE C 93 -11.73 -2.04 19.78
N ARG C 94 -12.37 -1.63 18.69
CA ARG C 94 -12.29 -0.25 18.20
C ARG C 94 -13.67 0.13 17.70
N LEU C 95 -14.46 0.77 18.57
CA LEU C 95 -15.81 1.22 18.24
C LEU C 95 -15.69 2.54 17.48
N PHE C 96 -16.12 2.56 16.23
CA PHE C 96 -16.06 3.74 15.38
C PHE C 96 -17.45 4.36 15.30
N ASP C 97 -17.64 5.50 15.94
CA ASP C 97 -18.90 6.23 15.91
C ASP C 97 -18.82 7.34 14.87
N VAL C 98 -19.82 7.38 13.98
CA VAL C 98 -19.82 8.33 12.88
C VAL C 98 -21.09 9.17 12.95
N GLY C 99 -21.59 9.39 14.16
CA GLY C 99 -22.84 10.12 14.31
C GLY C 99 -22.73 11.62 14.07
N GLY C 100 -21.52 12.16 14.04
CA GLY C 100 -21.36 13.58 13.83
C GLY C 100 -21.39 14.04 12.40
N GLN C 101 -21.47 13.12 11.45
CA GLN C 101 -21.43 13.45 10.03
C GLN C 101 -22.85 13.76 9.56
N ARG C 102 -23.17 15.04 9.47
CA ARG C 102 -24.49 15.48 9.00
C ARG C 102 -24.49 15.71 7.49
N SER C 103 -24.08 14.69 6.74
CA SER C 103 -24.03 14.75 5.28
C SER C 103 -24.54 13.43 4.72
N GLU C 104 -24.38 13.26 3.42
CA GLU C 104 -24.82 12.03 2.77
C GLU C 104 -23.94 10.87 3.20
N ARG C 105 -24.57 9.76 3.59
CA ARG C 105 -23.82 8.61 4.07
C ARG C 105 -23.10 7.88 2.94
N LYS C 106 -23.67 7.91 1.73
CA LYS C 106 -23.16 7.06 0.66
C LYS C 106 -21.78 7.49 0.17
N LYS C 107 -21.30 8.66 0.56
CA LYS C 107 -20.00 9.13 0.08
C LYS C 107 -18.85 8.78 1.02
N TRP C 108 -19.13 8.20 2.19
CA TRP C 108 -18.07 7.77 3.08
C TRP C 108 -18.33 6.41 3.73
N ILE C 109 -19.44 5.75 3.41
CA ILE C 109 -19.74 4.48 4.07
C ILE C 109 -18.85 3.35 3.56
N HIS C 110 -18.22 3.52 2.40
CA HIS C 110 -17.32 2.50 1.88
C HIS C 110 -16.01 2.45 2.63
N CYS C 111 -15.75 3.41 3.51
CA CYS C 111 -14.51 3.41 4.29
C CYS C 111 -14.44 2.21 5.24
N PHE C 112 -15.58 1.67 5.64
CA PHE C 112 -15.66 0.63 6.65
C PHE C 112 -16.02 -0.72 6.07
N GLU C 113 -15.51 -1.03 4.87
CA GLU C 113 -15.84 -2.30 4.23
C GLU C 113 -15.27 -3.50 4.97
N ASP C 114 -14.25 -3.30 5.80
CA ASP C 114 -13.56 -4.38 6.47
C ASP C 114 -13.93 -4.54 7.93
N VAL C 115 -14.99 -3.88 8.40
CA VAL C 115 -15.37 -4.02 9.80
C VAL C 115 -15.94 -5.41 10.05
N THR C 116 -15.67 -5.92 11.25
CA THR C 116 -16.14 -7.27 11.60
C THR C 116 -17.65 -7.30 11.77
N ALA C 117 -18.23 -6.24 12.34
CA ALA C 117 -19.66 -6.24 12.60
C ALA C 117 -20.14 -4.81 12.73
N ILE C 118 -21.46 -4.66 12.67
CA ILE C 118 -22.13 -3.37 12.83
C ILE C 118 -23.00 -3.45 14.07
N ILE C 119 -22.81 -2.52 14.99
CA ILE C 119 -23.64 -2.44 16.19
C ILE C 119 -24.74 -1.44 15.91
N PHE C 120 -25.97 -1.93 15.83
CA PHE C 120 -27.09 -1.08 15.46
C PHE C 120 -28.01 -0.99 16.67
N CYS C 121 -28.22 0.23 17.16
CA CYS C 121 -28.96 0.43 18.40
C CYS C 121 -30.28 1.13 18.11
N VAL C 122 -31.37 0.58 18.66
CA VAL C 122 -32.72 1.08 18.50
C VAL C 122 -33.28 1.49 19.85
N ASP C 123 -33.82 2.70 19.92
CA ASP C 123 -34.45 3.19 21.14
C ASP C 123 -35.91 2.76 21.16
N LEU C 124 -36.24 1.82 22.05
CA LEU C 124 -37.60 1.33 22.14
C LEU C 124 -38.56 2.35 22.74
N SER C 125 -38.06 3.47 23.26
CA SER C 125 -38.93 4.47 23.84
C SER C 125 -39.85 5.08 22.78
N ASP C 126 -39.34 5.31 21.58
CA ASP C 126 -40.13 5.91 20.51
C ASP C 126 -41.14 4.91 19.94
N HIS C 131 -40.04 3.75 13.80
CA HIS C 131 -40.28 3.57 12.38
C HIS C 131 -39.32 4.41 11.57
N GLU C 132 -38.72 5.42 12.21
CA GLU C 132 -37.70 6.23 11.56
C GLU C 132 -36.37 5.52 11.47
N SER C 133 -36.21 4.39 12.16
CA SER C 133 -34.97 3.62 12.13
C SER C 133 -35.07 2.38 11.27
N LEU C 134 -36.28 1.87 11.02
CA LEU C 134 -36.43 0.67 10.22
C LEU C 134 -35.94 0.91 8.79
N MET C 135 -36.22 2.09 8.24
CA MET C 135 -35.73 2.42 6.91
C MET C 135 -34.21 2.46 6.86
N LEU C 136 -33.59 3.02 7.90
CA LEU C 136 -32.13 3.07 7.93
C LEU C 136 -31.54 1.66 8.02
N PHE C 137 -32.17 0.79 8.82
CA PHE C 137 -31.68 -0.59 8.89
C PHE C 137 -31.83 -1.28 7.55
N ASP C 138 -32.95 -1.03 6.86
CA ASP C 138 -33.14 -1.63 5.53
C ASP C 138 -32.09 -1.14 4.55
N SER C 139 -31.76 0.16 4.61
CA SER C 139 -30.73 0.70 3.72
C SER C 139 -29.38 0.08 4.02
N ILE C 140 -29.03 -0.06 5.29
CA ILE C 140 -27.70 -0.55 5.65
C ILE C 140 -27.56 -2.06 5.50
N CYS C 141 -28.67 -2.81 5.54
CA CYS C 141 -28.57 -4.27 5.48
C CYS C 141 -28.32 -4.77 4.07
N ASN C 142 -28.93 -4.14 3.07
CA ASN C 142 -28.80 -4.57 1.68
C ASN C 142 -27.71 -3.81 0.93
N ASN C 143 -26.90 -3.02 1.63
CA ASN C 143 -25.81 -2.29 1.00
C ASN C 143 -24.82 -3.26 0.38
N LYS C 144 -24.31 -2.90 -0.80
CA LYS C 144 -23.39 -3.79 -1.51
C LYS C 144 -22.09 -3.97 -0.76
N PHE C 145 -21.65 -2.98 0.02
CA PHE C 145 -20.41 -3.10 0.77
C PHE C 145 -20.54 -3.96 2.01
N PHE C 146 -21.76 -4.22 2.48
CA PHE C 146 -21.99 -4.97 3.70
C PHE C 146 -22.86 -6.19 3.44
N ILE C 147 -22.56 -6.93 2.37
CA ILE C 147 -23.31 -8.15 2.06
C ILE C 147 -22.83 -9.35 2.85
N ASP C 148 -21.66 -9.26 3.50
CA ASP C 148 -21.13 -10.37 4.27
C ASP C 148 -20.89 -10.03 5.74
N THR C 149 -20.91 -8.75 6.12
CA THR C 149 -20.66 -8.36 7.50
C THR C 149 -21.92 -8.56 8.34
N SER C 150 -21.75 -9.16 9.51
CA SER C 150 -22.87 -9.40 10.40
C SER C 150 -23.35 -8.11 11.04
N ILE C 151 -24.61 -8.11 11.48
CA ILE C 151 -25.22 -6.97 12.14
C ILE C 151 -25.66 -7.42 13.53
N ILE C 152 -25.29 -6.65 14.54
CA ILE C 152 -25.62 -6.95 15.93
C ILE C 152 -26.65 -5.93 16.40
N LEU C 153 -27.76 -6.42 16.93
CA LEU C 153 -28.89 -5.58 17.27
C LEU C 153 -29.03 -5.47 18.78
N PHE C 154 -28.98 -4.24 19.28
CA PHE C 154 -29.24 -3.94 20.69
C PHE C 154 -30.49 -3.08 20.78
N LEU C 155 -31.37 -3.41 21.71
CA LEU C 155 -32.58 -2.62 21.98
C LEU C 155 -32.51 -2.08 23.40
N ASN C 156 -32.77 -0.80 23.57
CA ASN C 156 -32.53 -0.13 24.83
C ASN C 156 -33.83 0.36 25.45
N LYS C 157 -33.73 0.82 26.70
CA LYS C 157 -34.84 1.41 27.44
C LYS C 157 -36.01 0.43 27.57
N LYS C 158 -35.74 -0.70 28.22
CA LYS C 158 -36.79 -1.71 28.41
C LYS C 158 -37.87 -1.20 29.34
N ASP C 159 -37.49 -0.56 30.45
CA ASP C 159 -38.46 -0.04 31.40
C ASP C 159 -39.32 1.04 30.75
N LEU C 160 -38.71 1.91 29.96
CA LEU C 160 -39.47 2.94 29.25
C LEU C 160 -40.44 2.32 28.27
N PHE C 161 -40.02 1.26 27.57
CA PHE C 161 -40.92 0.59 26.64
C PHE C 161 -42.10 -0.02 27.37
N GLY C 162 -41.85 -0.64 28.53
CA GLY C 162 -42.96 -1.19 29.30
C GLY C 162 -43.92 -0.11 29.78
N GLU C 163 -43.38 1.01 30.26
CA GLU C 163 -44.23 2.11 30.71
C GLU C 163 -45.07 2.67 29.56
N LYS C 164 -44.46 2.84 28.39
CA LYS C 164 -45.21 3.33 27.24
C LYS C 164 -46.26 2.31 26.81
N ILE C 165 -45.93 1.02 26.88
CA ILE C 165 -46.90 -0.01 26.51
C ILE C 165 -48.11 0.06 27.42
N LYS C 166 -47.88 0.22 28.72
CA LYS C 166 -48.99 0.40 29.64
C LYS C 166 -49.78 1.67 29.31
N LYS C 167 -49.08 2.75 29.00
CA LYS C 167 -49.74 4.03 28.73
C LYS C 167 -50.41 4.04 27.35
N SER C 168 -49.74 3.54 26.33
CA SER C 168 -50.23 3.61 24.96
C SER C 168 -50.01 2.28 24.26
N PRO C 169 -50.89 1.92 23.33
CA PRO C 169 -50.72 0.65 22.60
C PRO C 169 -49.48 0.66 21.71
N LEU C 170 -48.94 -0.53 21.48
CA LEU C 170 -47.77 -0.69 20.63
C LEU C 170 -48.09 -0.76 19.16
N THR C 171 -49.37 -0.66 18.80
CA THR C 171 -49.80 -0.72 17.40
C THR C 171 -49.82 0.63 16.72
N ILE C 172 -49.56 1.72 17.44
CA ILE C 172 -49.52 3.04 16.82
C ILE C 172 -48.38 3.13 15.82
N CYS C 173 -47.19 2.64 16.20
CA CYS C 173 -46.07 2.62 15.26
C CYS C 173 -46.31 1.64 14.14
N PHE C 174 -46.85 0.45 14.44
CA PHE C 174 -47.09 -0.61 13.45
C PHE C 174 -48.58 -0.89 13.41
N PRO C 175 -49.31 -0.33 12.45
CA PRO C 175 -50.77 -0.51 12.42
C PRO C 175 -51.21 -1.94 12.19
N GLU C 176 -50.36 -2.79 11.63
CA GLU C 176 -50.74 -4.14 11.26
C GLU C 176 -50.49 -5.16 12.37
N TYR C 177 -50.06 -4.70 13.55
CA TYR C 177 -49.77 -5.59 14.66
C TYR C 177 -51.07 -5.97 15.36
N THR C 178 -51.54 -7.17 15.13
CA THR C 178 -52.73 -7.71 15.79
C THR C 178 -52.25 -8.72 16.83
N GLY C 179 -52.09 -8.25 18.06
CA GLY C 179 -51.58 -9.08 19.12
C GLY C 179 -51.83 -8.50 20.50
N PRO C 180 -51.37 -9.20 21.53
CA PRO C 180 -51.60 -8.73 22.90
C PRO C 180 -50.81 -7.48 23.21
N ASN C 181 -51.36 -6.67 24.11
CA ASN C 181 -50.73 -5.41 24.51
C ASN C 181 -49.87 -5.66 25.74
N THR C 182 -48.77 -6.38 25.51
CA THR C 182 -47.83 -6.73 26.57
C THR C 182 -46.41 -6.50 26.06
N TYR C 183 -45.49 -6.34 27.01
CA TYR C 183 -44.10 -6.10 26.64
C TYR C 183 -43.49 -7.29 25.94
N GLU C 184 -43.79 -8.50 26.42
CA GLU C 184 -43.11 -9.69 25.90
C GLU C 184 -43.41 -9.90 24.41
N ASP C 185 -44.68 -9.77 24.02
CA ASP C 185 -45.01 -9.96 22.61
C ASP C 185 -44.63 -8.77 21.76
N ALA C 186 -44.69 -7.56 22.33
CA ALA C 186 -44.27 -6.39 21.56
C ALA C 186 -42.81 -6.48 21.19
N ALA C 187 -41.96 -6.89 22.14
CA ALA C 187 -40.54 -7.02 21.86
C ALA C 187 -40.29 -8.06 20.77
N ALA C 188 -41.02 -9.18 20.83
CA ALA C 188 -40.86 -10.20 19.80
C ALA C 188 -41.26 -9.66 18.43
N TYR C 189 -42.36 -8.91 18.37
CA TYR C 189 -42.78 -8.34 17.08
C TYR C 189 -41.76 -7.34 16.55
N ILE C 190 -41.21 -6.51 17.43
CA ILE C 190 -40.20 -5.54 16.99
C ILE C 190 -38.99 -6.27 16.44
N GLN C 191 -38.53 -7.30 17.14
CA GLN C 191 -37.38 -8.05 16.66
C GLN C 191 -37.68 -8.69 15.31
N ALA C 192 -38.88 -9.23 15.14
CA ALA C 192 -39.25 -9.83 13.87
C ALA C 192 -39.23 -8.80 12.75
N GLN C 193 -39.79 -7.61 13.02
CA GLN C 193 -39.82 -6.55 12.02
C GLN C 193 -38.41 -6.15 11.59
N PHE C 194 -37.49 -6.02 12.55
CA PHE C 194 -36.13 -5.62 12.19
C PHE C 194 -35.37 -6.76 11.52
N GLU C 195 -35.61 -8.00 11.94
CA GLU C 195 -34.86 -9.12 11.37
C GLU C 195 -35.34 -9.51 9.98
N SER C 196 -36.60 -9.22 9.64
CA SER C 196 -37.11 -9.59 8.32
C SER C 196 -36.48 -8.80 7.19
N LYS C 197 -35.75 -7.74 7.48
CA LYS C 197 -35.14 -6.92 6.43
C LYS C 197 -33.91 -7.57 5.81
N ASN C 198 -33.44 -8.69 6.34
CA ASN C 198 -32.31 -9.39 5.78
C ASN C 198 -32.73 -10.17 4.54
N ARG C 199 -31.89 -10.16 3.51
CA ARG C 199 -32.13 -10.89 2.29
C ARG C 199 -31.01 -11.85 1.90
N SER C 200 -29.81 -11.66 2.42
CA SER C 200 -28.67 -12.50 2.07
C SER C 200 -28.59 -13.70 3.00
N PRO C 201 -28.54 -14.91 2.44
CA PRO C 201 -28.44 -16.11 3.29
C PRO C 201 -27.09 -16.27 3.97
N ASN C 202 -26.07 -15.50 3.58
CA ASN C 202 -24.72 -15.66 4.09
C ASN C 202 -24.38 -14.65 5.18
N LYS C 203 -25.35 -14.28 6.02
CA LYS C 203 -25.11 -13.36 7.12
C LYS C 203 -26.09 -13.63 8.24
N GLU C 204 -25.77 -13.14 9.43
CA GLU C 204 -26.57 -13.37 10.63
C GLU C 204 -26.81 -12.05 11.34
N ILE C 205 -27.95 -11.94 12.00
CA ILE C 205 -28.34 -10.75 12.74
C ILE C 205 -28.65 -11.17 14.17
N TYR C 206 -27.68 -11.00 15.06
CA TYR C 206 -27.90 -11.27 16.48
C TYR C 206 -28.76 -10.19 17.10
N CYS C 207 -29.55 -10.58 18.09
CA CYS C 207 -30.46 -9.65 18.74
C CYS C 207 -30.24 -9.69 20.24
N HIS C 208 -30.63 -8.61 20.90
CA HIS C 208 -30.53 -8.54 22.35
C HIS C 208 -31.41 -7.41 22.85
N MET C 209 -31.86 -7.53 24.10
CA MET C 209 -32.63 -6.50 24.77
C MET C 209 -31.85 -5.97 25.96
N THR C 210 -31.94 -4.66 26.19
CA THR C 210 -31.20 -4.01 27.25
C THR C 210 -32.15 -3.21 28.13
N CYS C 211 -31.77 -3.07 29.40
CA CYS C 211 -32.58 -2.35 30.39
C CYS C 211 -31.87 -1.12 30.94
N ALA C 212 -30.80 -0.67 30.28
CA ALA C 212 -30.04 0.52 30.65
C ALA C 212 -29.49 0.47 32.06
N THR C 213 -29.49 -0.70 32.71
CA THR C 213 -28.95 -0.83 34.05
C THR C 213 -28.16 -2.12 34.23
N ASP C 214 -27.67 -2.72 33.15
CA ASP C 214 -26.93 -3.97 33.19
C ASP C 214 -25.61 -3.82 32.46
N THR C 215 -24.63 -4.64 32.85
CA THR C 215 -23.30 -4.61 32.27
C THR C 215 -23.00 -5.83 31.40
N ASN C 216 -24.04 -6.48 30.87
CA ASN C 216 -23.85 -7.65 30.03
C ASN C 216 -23.56 -7.31 28.58
N ASN C 217 -23.51 -6.02 28.24
CA ASN C 217 -23.29 -5.62 26.85
C ASN C 217 -21.92 -6.06 26.36
N ALA C 218 -20.90 -5.93 27.22
CA ALA C 218 -19.57 -6.36 26.84
C ALA C 218 -19.53 -7.86 26.53
N GLN C 219 -20.15 -8.67 27.39
CA GLN C 219 -20.15 -10.12 27.16
C GLN C 219 -20.92 -10.48 25.90
N VAL C 220 -22.05 -9.81 25.66
CA VAL C 220 -22.82 -10.06 24.46
C VAL C 220 -21.99 -9.77 23.21
N ILE C 221 -21.33 -8.61 23.20
CA ILE C 221 -20.50 -8.24 22.05
C ILE C 221 -19.36 -9.23 21.87
N PHE C 222 -18.75 -9.67 22.98
CA PHE C 222 -17.64 -10.62 22.88
C PHE C 222 -18.08 -11.93 22.28
N ASP C 223 -19.23 -12.46 22.73
CA ASP C 223 -19.72 -13.73 22.19
C ASP C 223 -20.05 -13.60 20.71
N ALA C 224 -20.73 -12.51 20.34
CA ALA C 224 -21.09 -12.31 18.94
C ALA C 224 -19.85 -12.17 18.07
N VAL C 225 -18.83 -11.45 18.56
CA VAL C 225 -17.62 -11.24 17.78
C VAL C 225 -16.86 -12.54 17.62
N THR C 226 -16.81 -13.39 18.66
CA THR C 226 -16.15 -14.68 18.52
C THR C 226 -16.86 -15.54 17.48
N ASP C 227 -18.20 -15.54 17.50
CA ASP C 227 -18.94 -16.29 16.50
C ASP C 227 -18.66 -15.78 15.09
N ILE C 228 -18.64 -14.45 14.92
CA ILE C 228 -18.39 -13.88 13.60
C ILE C 228 -16.97 -14.19 13.13
N ILE C 229 -16.00 -14.14 14.04
CA ILE C 229 -14.62 -14.45 13.69
C ILE C 229 -14.49 -15.90 13.24
N ILE C 230 -15.13 -16.82 13.97
CA ILE C 230 -15.12 -18.23 13.59
C ILE C 230 -15.71 -18.40 12.19
N ALA C 231 -16.86 -17.75 11.95
CA ALA C 231 -17.52 -17.89 10.65
C ALA C 231 -16.66 -17.35 9.53
N ASN C 232 -16.05 -16.17 9.72
CA ASN C 232 -15.24 -15.58 8.68
C ASN C 232 -14.02 -16.43 8.37
N ASN C 233 -13.35 -16.93 9.41
CA ASN C 233 -12.16 -17.74 9.17
C ASN C 233 -12.53 -19.05 8.47
N LEU C 234 -13.63 -19.68 8.85
CA LEU C 234 -14.05 -20.90 8.17
C LEU C 234 -14.41 -20.62 6.71
N ARG C 235 -15.07 -19.49 6.44
CA ARG C 235 -15.45 -19.16 5.08
C ARG C 235 -14.24 -18.84 4.21
N GLY C 236 -13.22 -18.23 4.78
CA GLY C 236 -12.02 -17.93 4.00
C GLY C 236 -11.32 -19.18 3.49
N CYS C 237 -11.23 -20.21 4.33
CA CYS C 237 -10.53 -21.43 3.98
C CYS C 237 -11.33 -22.32 3.04
N GLY C 238 -12.60 -22.01 2.81
CA GLY C 238 -13.43 -22.83 1.96
C GLY C 238 -14.16 -23.95 2.67
N LEU C 239 -13.86 -24.20 3.94
CA LEU C 239 -14.53 -25.24 4.69
C LEU C 239 -15.97 -24.90 5.02
N TYR C 240 -16.40 -23.66 4.79
CA TYR C 240 -17.76 -23.25 5.08
C TYR C 240 -18.64 -23.43 3.85
N GLU D 13 -44.05 38.45 -0.70
CA GLU D 13 -43.01 38.81 -1.67
C GLU D 13 -42.30 37.58 -2.20
N LEU D 14 -42.69 36.41 -1.68
CA LEU D 14 -42.09 35.16 -2.14
C LEU D 14 -42.41 34.89 -3.60
N ASP D 15 -43.64 35.21 -4.02
CA ASP D 15 -44.02 34.99 -5.41
C ASP D 15 -43.18 35.85 -6.35
N GLN D 16 -42.94 37.11 -5.99
CA GLN D 16 -42.13 37.97 -6.83
C GLN D 16 -40.69 37.45 -6.93
N LEU D 17 -40.14 36.98 -5.81
CA LEU D 17 -38.79 36.43 -5.84
C LEU D 17 -38.71 35.17 -6.71
N ARG D 18 -39.70 34.28 -6.59
CA ARG D 18 -39.70 33.08 -7.41
C ARG D 18 -39.83 33.44 -8.89
N GLN D 19 -40.70 34.40 -9.22
CA GLN D 19 -40.84 34.81 -10.61
C GLN D 19 -39.55 35.40 -11.15
N GLU D 20 -38.87 36.22 -10.34
CA GLU D 20 -37.59 36.78 -10.77
C GLU D 20 -36.56 35.69 -11.01
N ALA D 21 -36.51 34.70 -10.12
CA ALA D 21 -35.57 33.60 -10.30
C ALA D 21 -35.85 32.81 -11.57
N GLU D 22 -37.14 32.52 -11.82
CA GLU D 22 -37.49 31.80 -13.03
C GLU D 22 -37.14 32.59 -14.28
N GLN D 23 -37.41 33.90 -14.26
CA GLN D 23 -37.09 34.75 -15.41
C GLN D 23 -35.59 34.80 -15.64
N LEU D 24 -34.80 34.90 -14.57
CA LEU D 24 -33.35 34.94 -14.72
C LEU D 24 -32.82 33.63 -15.28
N LYS D 25 -33.36 32.50 -14.80
CA LYS D 25 -32.94 31.21 -15.34
C LYS D 25 -33.29 31.09 -16.82
N ASN D 26 -34.48 31.56 -17.20
CA ASN D 26 -34.87 31.54 -18.61
C ASN D 26 -33.95 32.41 -19.45
N GLN D 27 -33.60 33.60 -18.96
CA GLN D 27 -32.72 34.49 -19.69
C GLN D 27 -31.34 33.86 -19.88
N ILE D 28 -30.81 33.25 -18.83
CA ILE D 28 -29.50 32.60 -18.94
C ILE D 28 -29.57 31.44 -19.94
N ARG D 29 -30.63 30.64 -19.88
CA ARG D 29 -30.76 29.52 -20.79
C ARG D 29 -30.83 29.99 -22.24
N ASP D 30 -31.62 31.04 -22.50
CA ASP D 30 -31.74 31.55 -23.87
C ASP D 30 -30.42 32.11 -24.35
N ALA D 31 -29.72 32.87 -23.50
CA ALA D 31 -28.44 33.44 -23.90
C ALA D 31 -27.42 32.36 -24.21
N ARG D 32 -27.39 31.30 -23.39
CA ARG D 32 -26.46 30.21 -23.63
C ARG D 32 -26.83 29.42 -24.88
N LYS D 33 -28.13 29.30 -25.17
CA LYS D 33 -28.54 28.56 -26.37
C LYS D 33 -28.25 29.35 -27.64
N ALA D 34 -28.32 30.67 -27.58
CA ALA D 34 -28.08 31.48 -28.78
C ALA D 34 -26.63 31.42 -29.25
N CYS D 35 -25.69 31.24 -28.32
CA CYS D 35 -24.28 31.28 -28.65
C CYS D 35 -23.75 29.94 -29.17
N ALA D 36 -24.58 28.90 -29.23
CA ALA D 36 -24.14 27.59 -29.72
C ALA D 36 -24.35 27.49 -31.23
N ASP D 37 -23.52 28.26 -31.95
CA ASP D 37 -23.61 28.27 -33.41
C ASP D 37 -23.05 27.00 -34.03
N ALA D 38 -22.12 26.33 -33.35
CA ALA D 38 -21.54 25.08 -33.82
C ALA D 38 -21.03 24.30 -32.61
N THR D 39 -20.77 23.03 -32.84
CA THR D 39 -20.26 22.14 -31.80
C THR D 39 -18.84 21.72 -32.11
N LEU D 40 -18.14 21.23 -31.08
CA LEU D 40 -16.77 20.76 -31.26
C LEU D 40 -16.72 19.57 -32.20
N SER D 41 -17.72 18.68 -32.12
CA SER D 41 -17.73 17.50 -32.97
C SER D 41 -17.88 17.86 -34.43
N GLN D 42 -18.60 18.94 -34.74
CA GLN D 42 -18.74 19.38 -36.12
C GLN D 42 -17.54 20.17 -36.61
N ILE D 43 -16.61 20.52 -35.73
CA ILE D 43 -15.46 21.34 -36.10
C ILE D 43 -14.19 20.50 -36.22
N THR D 44 -13.97 19.55 -35.31
CA THR D 44 -12.75 18.76 -35.28
C THR D 44 -12.91 17.40 -35.94
N ASN D 45 -13.69 17.31 -37.01
CA ASN D 45 -13.88 16.04 -37.69
C ASN D 45 -12.77 15.75 -38.70
N ASN D 46 -12.14 16.78 -39.24
CA ASN D 46 -11.14 16.62 -40.29
C ASN D 46 -9.72 16.48 -39.76
N ILE D 47 -9.52 16.51 -38.45
CA ILE D 47 -8.19 16.27 -37.89
C ILE D 47 -7.94 14.78 -37.81
N ASP D 48 -6.73 14.36 -38.15
CA ASP D 48 -6.41 12.94 -38.14
C ASP D 48 -6.49 12.41 -36.71
N PRO D 49 -7.04 11.21 -36.51
CA PRO D 49 -7.17 10.67 -35.15
C PRO D 49 -5.82 10.35 -34.55
N VAL D 50 -5.80 10.32 -33.22
CA VAL D 50 -4.59 9.97 -32.49
C VAL D 50 -4.19 8.51 -32.68
N GLY D 51 -5.05 7.72 -33.31
CA GLY D 51 -4.75 6.32 -33.52
C GLY D 51 -4.88 5.52 -32.24
N ARG D 52 -3.96 4.57 -32.02
CA ARG D 52 -3.95 3.76 -30.82
C ARG D 52 -2.88 4.26 -29.88
N ILE D 53 -3.25 4.43 -28.61
CA ILE D 53 -2.29 4.82 -27.58
C ILE D 53 -2.09 3.65 -26.63
N GLN D 54 -1.10 2.81 -26.91
CA GLN D 54 -0.85 1.59 -26.14
C GLN D 54 0.24 1.88 -25.12
N MET D 55 -0.17 2.13 -23.89
CA MET D 55 0.75 2.36 -22.79
C MET D 55 0.95 1.07 -22.02
N ARG D 56 2.18 0.86 -21.54
CA ARG D 56 2.53 -0.31 -20.76
C ARG D 56 3.05 0.15 -19.40
N THR D 57 2.82 -0.68 -18.38
CA THR D 57 3.26 -0.36 -17.04
C THR D 57 4.78 -0.29 -16.99
N ARG D 58 5.31 0.76 -16.38
CA ARG D 58 6.75 0.95 -16.22
C ARG D 58 7.24 0.66 -14.81
N ARG D 59 6.51 1.09 -13.79
CA ARG D 59 6.87 0.79 -12.41
C ARG D 59 5.61 0.37 -11.66
N THR D 60 5.82 -0.34 -10.56
CA THR D 60 4.72 -0.78 -9.71
C THR D 60 5.15 -0.62 -8.25
N LEU D 61 4.64 0.40 -7.59
CA LEU D 61 5.06 0.76 -6.24
C LEU D 61 4.22 -0.02 -5.24
N ARG D 62 4.83 -1.03 -4.63
CA ARG D 62 4.13 -1.91 -3.70
C ARG D 62 4.62 -1.66 -2.28
N GLY D 63 4.03 -0.65 -1.64
CA GLY D 63 4.37 -0.39 -0.25
C GLY D 63 3.23 -0.50 0.72
N HIS D 64 2.02 -0.15 0.28
CA HIS D 64 0.90 -0.04 1.20
C HIS D 64 0.33 -1.41 1.52
N LEU D 65 -0.55 -1.44 2.53
CA LEU D 65 -1.24 -2.64 2.94
C LEU D 65 -2.75 -2.53 2.88
N ALA D 66 -3.30 -1.34 2.62
CA ALA D 66 -4.74 -1.14 2.58
C ALA D 66 -5.11 -0.25 1.39
N LYS D 67 -6.35 0.23 1.37
CA LYS D 67 -6.85 0.98 0.22
C LYS D 67 -6.10 2.29 0.05
N ILE D 68 -5.93 2.69 -1.22
CA ILE D 68 -5.32 3.97 -1.58
C ILE D 68 -6.41 4.89 -2.07
N TYR D 69 -6.46 6.10 -1.52
CA TYR D 69 -7.51 7.05 -1.86
C TYR D 69 -7.04 8.27 -2.63
N ALA D 70 -5.75 8.60 -2.58
CA ALA D 70 -5.27 9.81 -3.25
C ALA D 70 -3.81 9.65 -3.64
N MET D 71 -3.40 10.47 -4.60
CA MET D 71 -2.02 10.48 -5.08
C MET D 71 -1.77 11.81 -5.79
N HIS D 72 -0.71 12.50 -5.41
CA HIS D 72 -0.38 13.79 -6.00
C HIS D 72 1.10 13.83 -6.37
N TRP D 73 1.40 14.51 -7.47
CA TRP D 73 2.77 14.66 -7.94
C TRP D 73 3.38 15.93 -7.39
N GLY D 74 4.71 15.94 -7.34
CA GLY D 74 5.43 17.16 -7.07
C GLY D 74 5.65 17.98 -8.32
N THR D 75 6.33 19.11 -8.16
CA THR D 75 6.60 19.97 -9.30
C THR D 75 7.77 19.47 -10.14
N ASP D 76 8.62 18.62 -9.59
CA ASP D 76 9.78 18.11 -10.32
C ASP D 76 9.49 16.84 -11.09
N SER D 77 8.28 16.31 -11.01
CA SER D 77 7.87 15.13 -11.75
C SER D 77 8.74 13.92 -11.45
N ARG D 78 9.19 13.79 -10.21
CA ARG D 78 9.90 12.58 -9.79
C ARG D 78 9.30 12.04 -8.50
N LEU D 79 8.83 12.92 -7.63
CA LEU D 79 8.29 12.53 -6.34
C LEU D 79 6.77 12.54 -6.37
N LEU D 80 6.16 11.56 -5.69
CA LEU D 80 4.72 11.45 -5.55
C LEU D 80 4.37 11.07 -4.12
N VAL D 81 3.20 11.49 -3.67
CA VAL D 81 2.75 11.23 -2.31
C VAL D 81 1.42 10.50 -2.36
N SER D 82 1.33 9.39 -1.64
CA SER D 82 0.14 8.57 -1.60
C SER D 82 -0.41 8.57 -0.18
N ALA D 83 -1.71 8.81 -0.04
CA ALA D 83 -2.38 8.85 1.26
C ALA D 83 -3.36 7.68 1.32
N SER D 84 -2.90 6.56 1.85
CA SER D 84 -3.72 5.36 1.97
C SER D 84 -4.49 5.37 3.29
N GLN D 85 -5.38 4.39 3.44
CA GLN D 85 -6.24 4.29 4.61
C GLN D 85 -5.58 3.59 5.78
N ASP D 86 -4.36 3.12 5.62
CA ASP D 86 -3.63 2.52 6.72
C ASP D 86 -3.07 3.55 7.68
N GLY D 87 -3.48 4.81 7.54
CA GLY D 87 -2.93 5.88 8.36
C GLY D 87 -1.49 6.21 8.07
N LYS D 88 -1.09 6.19 6.79
CA LYS D 88 0.28 6.46 6.41
C LYS D 88 0.30 7.21 5.09
N LEU D 89 1.14 8.25 5.01
CA LEU D 89 1.31 9.06 3.82
C LEU D 89 2.75 8.91 3.38
N ILE D 90 3.02 7.89 2.56
CA ILE D 90 4.37 7.59 2.11
C ILE D 90 4.68 8.41 0.87
N ILE D 91 5.77 9.19 0.92
CA ILE D 91 6.24 9.97 -0.21
C ILE D 91 7.10 9.07 -1.08
N TRP D 92 6.83 9.07 -2.38
CA TRP D 92 7.40 8.08 -3.29
C TRP D 92 8.40 8.73 -4.22
N ASP D 93 9.51 8.04 -4.46
CA ASP D 93 10.45 8.38 -5.52
C ASP D 93 10.17 7.44 -6.69
N SER D 94 9.75 8.00 -7.82
CA SER D 94 9.24 7.18 -8.91
C SER D 94 10.36 6.45 -9.65
N TYR D 95 11.48 7.13 -9.91
CA TYR D 95 12.50 6.57 -10.78
C TYR D 95 13.10 5.30 -10.16
N THR D 96 13.39 5.32 -8.87
CA THR D 96 14.01 4.20 -8.19
C THR D 96 13.03 3.35 -7.40
N THR D 97 11.74 3.70 -7.43
CA THR D 97 10.71 2.97 -6.67
C THR D 97 11.09 2.83 -5.21
N ASN D 98 11.63 3.90 -4.64
CA ASN D 98 12.10 3.92 -3.26
C ASN D 98 11.12 4.67 -2.39
N LYS D 99 11.09 4.32 -1.10
CA LYS D 99 10.33 5.06 -0.11
C LYS D 99 11.23 6.12 0.51
N VAL D 100 10.83 7.38 0.42
CA VAL D 100 11.63 8.47 0.93
C VAL D 100 11.13 9.00 2.28
N HIS D 101 9.83 8.88 2.56
CA HIS D 101 9.31 9.32 3.85
C HIS D 101 8.12 8.44 4.22
N ALA D 102 7.82 8.40 5.52
CA ALA D 102 6.69 7.63 6.02
C ALA D 102 6.08 8.44 7.17
N ILE D 103 5.01 9.16 6.88
CA ILE D 103 4.38 10.07 7.83
C ILE D 103 3.14 9.37 8.37
N PRO D 104 3.14 8.90 9.62
CA PRO D 104 1.89 8.40 10.22
C PRO D 104 0.92 9.53 10.46
N LEU D 105 -0.37 9.21 10.38
CA LEU D 105 -1.42 10.20 10.50
C LEU D 105 -2.24 9.95 11.77
N ARG D 106 -2.68 11.05 12.39
CA ARG D 106 -3.48 10.93 13.61
C ARG D 106 -4.82 10.26 13.33
N SER D 107 -5.48 10.64 12.24
CA SER D 107 -6.76 10.04 11.85
C SER D 107 -6.54 9.23 10.58
N SER D 108 -6.83 7.93 10.66
CA SER D 108 -6.55 7.03 9.55
C SER D 108 -7.58 7.13 8.43
N TRP D 109 -8.69 7.82 8.64
CA TRP D 109 -9.73 7.97 7.63
C TRP D 109 -9.43 9.21 6.80
N VAL D 110 -8.52 9.06 5.84
CA VAL D 110 -8.05 10.15 5.01
C VAL D 110 -8.47 9.90 3.57
N MET D 111 -8.92 10.96 2.89
CA MET D 111 -9.42 10.84 1.53
C MET D 111 -8.94 11.97 0.63
N THR D 112 -7.82 12.62 0.97
CA THR D 112 -7.24 13.64 0.11
C THR D 112 -5.77 13.81 0.46
N CYS D 113 -5.00 14.32 -0.51
CA CYS D 113 -3.60 14.62 -0.29
C CYS D 113 -3.17 15.70 -1.26
N ALA D 114 -2.12 16.43 -0.89
CA ALA D 114 -1.64 17.54 -1.71
C ALA D 114 -0.14 17.71 -1.49
N TYR D 115 0.59 17.96 -2.57
CA TYR D 115 2.02 18.20 -2.53
C TYR D 115 2.26 19.67 -2.87
N ALA D 116 3.01 20.36 -2.02
CA ALA D 116 3.22 21.78 -2.22
C ALA D 116 4.00 22.02 -3.52
N PRO D 117 3.69 23.08 -4.26
CA PRO D 117 4.44 23.37 -5.48
C PRO D 117 5.91 23.62 -5.21
N SER D 118 6.25 24.23 -4.07
CA SER D 118 7.65 24.37 -3.70
C SER D 118 8.26 23.04 -3.30
N GLY D 119 7.46 22.16 -2.71
CA GLY D 119 7.95 20.87 -2.26
C GLY D 119 8.31 20.77 -0.80
N ASN D 120 7.91 21.75 0.02
CA ASN D 120 8.27 21.75 1.43
C ASN D 120 7.17 21.21 2.34
N TYR D 121 5.92 21.28 1.92
CA TYR D 121 4.79 20.87 2.75
C TYR D 121 3.95 19.83 2.02
N VAL D 122 3.24 19.02 2.79
CA VAL D 122 2.29 18.05 2.26
C VAL D 122 1.02 18.14 3.09
N ALA D 123 -0.12 18.30 2.42
CA ALA D 123 -1.41 18.41 3.08
C ALA D 123 -2.11 17.05 3.11
N CYS D 124 -3.03 16.92 4.05
CA CYS D 124 -3.81 15.69 4.19
C CYS D 124 -5.12 16.03 4.86
N GLY D 125 -6.09 15.13 4.71
CA GLY D 125 -7.40 15.37 5.29
C GLY D 125 -8.30 14.18 5.05
N GLY D 126 -9.46 14.22 5.70
CA GLY D 126 -10.41 13.13 5.63
C GLY D 126 -11.63 13.31 6.50
N LEU D 127 -11.99 12.26 7.25
CA LEU D 127 -13.18 12.27 8.09
C LEU D 127 -12.98 12.97 9.43
N ASP D 128 -11.77 13.43 9.72
CA ASP D 128 -11.52 14.16 10.95
C ASP D 128 -11.93 15.62 10.87
N ASN D 129 -12.46 16.05 9.73
CA ASN D 129 -12.94 17.42 9.50
C ASN D 129 -11.81 18.44 9.57
N ILE D 130 -10.56 17.99 9.50
CA ILE D 130 -9.40 18.82 9.80
C ILE D 130 -8.34 18.58 8.73
N CYS D 131 -7.77 19.67 8.22
CA CYS D 131 -6.68 19.59 7.26
C CYS D 131 -5.36 19.71 8.00
N SER D 132 -4.45 18.77 7.74
CA SER D 132 -3.18 18.70 8.44
C SER D 132 -2.04 19.08 7.50
N ILE D 133 -1.18 19.99 7.95
CA ILE D 133 -0.03 20.45 7.18
C ILE D 133 1.23 19.91 7.83
N TYR D 134 2.00 19.13 7.08
CA TYR D 134 3.24 18.54 7.56
C TYR D 134 4.43 19.20 6.88
N ASN D 135 5.49 19.41 7.65
CA ASN D 135 6.69 20.08 7.18
C ASN D 135 7.75 19.05 6.84
N LEU D 136 8.12 18.96 5.56
CA LEU D 136 9.07 17.95 5.10
C LEU D 136 10.52 18.40 5.18
N LYS D 137 10.78 19.68 5.47
CA LYS D 137 12.13 20.21 5.53
C LYS D 137 12.46 20.74 6.92
N THR D 138 12.07 20.00 7.95
CA THR D 138 12.40 20.38 9.31
C THR D 138 13.89 20.24 9.56
N ARG D 139 14.40 21.05 10.48
CA ARG D 139 15.82 21.01 10.83
C ARG D 139 16.18 19.73 11.59
N GLU D 140 15.23 19.14 12.30
CA GLU D 140 15.50 17.96 13.12
C GLU D 140 15.46 16.67 12.34
N GLY D 141 15.21 16.71 11.04
CA GLY D 141 15.20 15.52 10.20
C GLY D 141 13.85 14.86 9.98
N ASN D 142 13.11 14.59 11.05
CA ASN D 142 11.80 13.97 10.92
C ASN D 142 10.80 14.99 10.37
N VAL D 143 9.54 14.56 10.28
CA VAL D 143 8.45 15.38 9.77
C VAL D 143 7.49 15.68 10.92
N ARG D 144 7.12 16.95 11.07
CA ARG D 144 6.24 17.39 12.14
C ARG D 144 4.99 18.02 11.56
N VAL D 145 3.93 18.02 12.36
CA VAL D 145 2.65 18.63 11.97
C VAL D 145 2.77 20.13 12.16
N SER D 146 2.88 20.87 11.06
CA SER D 146 3.08 22.31 11.16
C SER D 146 1.81 23.00 11.64
N ARG D 147 0.65 22.58 11.16
CA ARG D 147 -0.59 23.25 11.49
C ARG D 147 -1.74 22.26 11.29
N GLU D 148 -2.80 22.45 12.07
CA GLU D 148 -4.02 21.65 11.97
C GLU D 148 -5.20 22.60 11.81
N LEU D 149 -5.72 22.70 10.60
CA LEU D 149 -6.81 23.63 10.31
C LEU D 149 -8.14 23.07 10.79
N ALA D 150 -8.97 23.92 11.38
CA ALA D 150 -10.29 23.53 11.84
C ALA D 150 -11.30 24.60 11.46
N GLY D 151 -12.55 24.18 11.29
CA GLY D 151 -13.61 25.09 10.90
C GLY D 151 -14.65 24.49 9.99
N HIS D 152 -14.35 23.34 9.38
CA HIS D 152 -15.33 22.62 8.58
C HIS D 152 -16.22 21.78 9.46
N THR D 153 -17.52 21.75 9.12
CA THR D 153 -18.46 20.90 9.82
C THR D 153 -18.46 19.49 9.25
N GLY D 154 -18.42 19.37 7.92
CA GLY D 154 -18.37 18.08 7.27
C GLY D 154 -16.96 17.66 6.91
N TYR D 155 -16.85 16.49 6.32
CA TYR D 155 -15.55 15.90 6.01
C TYR D 155 -14.84 16.67 4.91
N LEU D 156 -13.51 16.78 5.03
CA LEU D 156 -12.70 17.43 4.01
C LEU D 156 -12.49 16.47 2.86
N SER D 157 -12.92 16.87 1.67
CA SER D 157 -12.88 16.00 0.50
C SER D 157 -11.72 16.30 -0.44
N CYS D 158 -11.18 17.51 -0.42
CA CYS D 158 -10.04 17.84 -1.26
C CYS D 158 -9.28 19.01 -0.66
N CYS D 159 -8.03 19.17 -1.09
CA CYS D 159 -7.21 20.28 -0.65
C CYS D 159 -6.10 20.49 -1.67
N ARG D 160 -5.90 21.74 -2.08
CA ARG D 160 -4.87 22.11 -3.04
C ARG D 160 -4.06 23.27 -2.50
N PHE D 161 -2.79 23.31 -2.91
CA PHE D 161 -1.88 24.36 -2.45
C PHE D 161 -1.83 25.49 -3.47
N LEU D 162 -2.28 26.67 -3.06
CA LEU D 162 -2.03 27.86 -3.88
C LEU D 162 -0.56 28.22 -3.87
N ASP D 163 0.04 28.29 -2.69
CA ASP D 163 1.46 28.54 -2.50
C ASP D 163 1.82 28.03 -1.11
N ASP D 164 2.98 28.44 -0.60
CA ASP D 164 3.43 27.94 0.70
C ASP D 164 2.64 28.50 1.87
N ASN D 165 1.78 29.51 1.65
CA ASN D 165 1.06 30.16 2.74
C ASN D 165 -0.44 29.96 2.68
N GLN D 166 -1.02 29.90 1.49
CA GLN D 166 -2.46 29.76 1.32
C GLN D 166 -2.82 28.38 0.80
N ILE D 167 -3.83 27.77 1.41
CA ILE D 167 -4.37 26.48 0.97
C ILE D 167 -5.88 26.58 0.89
N VAL D 168 -6.44 26.09 -0.21
CA VAL D 168 -7.88 26.10 -0.45
C VAL D 168 -8.41 24.68 -0.33
N THR D 169 -9.51 24.52 0.40
CA THR D 169 -10.03 23.21 0.74
C THR D 169 -11.50 23.12 0.38
N SER D 170 -11.95 21.89 0.11
CA SER D 170 -13.33 21.57 -0.20
C SER D 170 -13.82 20.54 0.80
N SER D 171 -14.97 20.80 1.41
CA SER D 171 -15.49 19.94 2.46
C SER D 171 -16.95 19.61 2.21
N GLY D 172 -17.45 18.64 2.97
CA GLY D 172 -18.80 18.14 2.85
C GLY D 172 -19.84 18.94 3.58
N ASP D 173 -19.51 20.13 4.06
CA ASP D 173 -20.48 21.04 4.65
C ASP D 173 -21.05 22.01 3.64
N THR D 174 -21.03 21.66 2.36
CA THR D 174 -21.54 22.48 1.25
C THR D 174 -20.78 23.78 1.09
N THR D 175 -19.59 23.91 1.68
CA THR D 175 -18.80 25.13 1.59
C THR D 175 -17.35 24.80 1.30
N CYS D 176 -16.69 25.66 0.52
CA CYS D 176 -15.26 25.62 0.29
C CYS D 176 -14.63 26.86 0.91
N ALA D 177 -13.43 26.73 1.44
CA ALA D 177 -12.79 27.82 2.17
C ALA D 177 -11.37 28.04 1.68
N LEU D 178 -10.91 29.29 1.82
CA LEU D 178 -9.53 29.67 1.57
C LEU D 178 -8.84 29.92 2.89
N TRP D 179 -7.67 29.33 3.09
CA TRP D 179 -7.01 29.35 4.38
C TRP D 179 -5.69 30.12 4.31
N ASP D 180 -5.18 30.46 5.49
CA ASP D 180 -3.83 30.99 5.65
C ASP D 180 -3.10 30.07 6.62
N ILE D 181 -2.15 29.29 6.10
CA ILE D 181 -1.45 28.30 6.91
C ILE D 181 -0.62 28.93 8.01
N GLU D 182 -0.58 30.25 8.10
CA GLU D 182 0.16 30.95 9.15
C GLU D 182 -0.69 31.17 10.40
N THR D 183 -1.83 31.82 10.24
CA THR D 183 -2.74 32.06 11.36
C THR D 183 -3.80 30.97 11.51
N GLY D 184 -3.90 30.06 10.56
CA GLY D 184 -4.84 28.96 10.66
C GLY D 184 -6.29 29.39 10.73
N GLN D 185 -6.66 30.44 10.01
CA GLN D 185 -8.02 30.94 9.98
C GLN D 185 -8.52 30.96 8.55
N GLN D 186 -9.84 30.92 8.38
CA GLN D 186 -10.46 30.93 7.06
C GLN D 186 -10.49 32.37 6.56
N THR D 187 -9.55 32.70 5.67
CA THR D 187 -9.51 34.05 5.12
C THR D 187 -10.75 34.33 4.26
N THR D 188 -11.19 33.36 3.47
CA THR D 188 -12.35 33.53 2.63
C THR D 188 -13.06 32.19 2.49
N THR D 189 -14.39 32.22 2.58
CA THR D 189 -15.22 31.02 2.45
C THR D 189 -16.19 31.20 1.30
N PHE D 190 -16.45 30.10 0.59
CA PHE D 190 -17.28 30.11 -0.61
C PHE D 190 -18.56 29.32 -0.37
N THR D 191 -19.69 29.93 -0.69
CA THR D 191 -20.99 29.33 -0.46
C THR D 191 -21.82 29.39 -1.73
N GLY D 192 -22.82 28.51 -1.80
CA GLY D 192 -23.73 28.50 -2.93
C GLY D 192 -24.12 27.11 -3.37
N HIS D 193 -23.24 26.15 -3.13
CA HIS D 193 -23.58 24.76 -3.39
C HIS D 193 -24.66 24.29 -2.42
N THR D 194 -25.60 23.49 -2.93
CA THR D 194 -26.67 22.96 -2.12
C THR D 194 -26.35 21.60 -1.51
N GLY D 195 -25.14 21.09 -1.74
CA GLY D 195 -24.78 19.78 -1.23
C GLY D 195 -23.28 19.60 -1.02
N ASP D 196 -22.87 18.37 -0.74
CA ASP D 196 -21.47 18.08 -0.46
C ASP D 196 -20.59 18.33 -1.68
N VAL D 197 -19.44 18.94 -1.45
CA VAL D 197 -18.45 19.22 -2.49
C VAL D 197 -17.35 18.17 -2.38
N MET D 198 -17.08 17.48 -3.48
CA MET D 198 -16.16 16.34 -3.46
C MET D 198 -15.11 16.43 -4.57
N SER D 199 -14.80 17.63 -5.04
CA SER D 199 -13.76 17.82 -6.04
C SER D 199 -13.33 19.28 -6.04
N LEU D 200 -12.16 19.55 -6.59
CA LEU D 200 -11.60 20.89 -6.60
C LEU D 200 -10.42 20.93 -7.53
N SER D 201 -10.28 22.02 -8.28
CA SER D 201 -9.19 22.17 -9.24
C SER D 201 -8.76 23.63 -9.25
N LEU D 202 -7.51 23.90 -8.89
CA LEU D 202 -6.96 25.25 -8.94
C LEU D 202 -6.45 25.54 -10.34
N ALA D 203 -6.66 26.77 -10.78
CA ALA D 203 -6.28 27.16 -12.13
C ALA D 203 -4.77 27.25 -12.25
N PRO D 204 -4.23 27.15 -13.48
CA PRO D 204 -2.77 27.25 -13.65
C PRO D 204 -2.21 28.58 -13.17
N ASP D 205 -2.97 29.68 -13.29
CA ASP D 205 -2.52 30.97 -12.81
C ASP D 205 -2.81 31.18 -11.33
N THR D 206 -3.43 30.21 -10.67
CA THR D 206 -3.73 30.26 -9.23
C THR D 206 -4.56 31.48 -8.85
N ARG D 207 -5.40 31.96 -9.77
CA ARG D 207 -6.33 33.03 -9.49
C ARG D 207 -7.79 32.60 -9.50
N LEU D 208 -8.09 31.44 -10.09
CA LEU D 208 -9.45 30.92 -10.18
C LEU D 208 -9.46 29.46 -9.77
N PHE D 209 -10.63 28.95 -9.43
CA PHE D 209 -10.79 27.53 -9.19
C PHE D 209 -12.27 27.16 -9.28
N VAL D 210 -12.53 25.89 -9.56
CA VAL D 210 -13.87 25.38 -9.78
C VAL D 210 -14.09 24.17 -8.90
N SER D 211 -15.34 23.95 -8.51
CA SER D 211 -15.68 22.87 -7.59
C SER D 211 -16.90 22.11 -8.11
N GLY D 212 -16.83 20.78 -8.02
CA GLY D 212 -17.95 19.94 -8.41
C GLY D 212 -18.59 19.26 -7.22
N ALA D 213 -19.80 19.67 -6.88
CA ALA D 213 -20.47 19.18 -5.69
C ALA D 213 -21.36 17.98 -6.01
N CYS D 214 -21.96 17.41 -4.96
CA CYS D 214 -22.83 16.25 -5.11
C CYS D 214 -24.25 16.64 -5.52
N ASP D 215 -24.52 17.92 -5.71
CA ASP D 215 -25.82 18.38 -6.17
C ASP D 215 -25.91 18.46 -7.69
N ALA D 216 -25.00 17.80 -8.40
CA ALA D 216 -24.98 17.77 -9.86
C ALA D 216 -24.90 19.18 -10.44
N SER D 217 -23.87 19.91 -10.02
CA SER D 217 -23.64 21.26 -10.53
C SER D 217 -22.19 21.64 -10.28
N ALA D 218 -21.60 22.34 -11.26
CA ALA D 218 -20.24 22.83 -11.16
C ALA D 218 -20.24 24.35 -11.12
N LYS D 219 -19.38 24.92 -10.30
CA LYS D 219 -19.35 26.35 -10.09
C LYS D 219 -17.93 26.88 -10.27
N LEU D 220 -17.84 28.11 -10.76
CA LEU D 220 -16.58 28.81 -10.95
C LEU D 220 -16.42 29.87 -9.88
N TRP D 221 -15.25 29.92 -9.26
CA TRP D 221 -14.99 30.81 -8.14
C TRP D 221 -13.83 31.74 -8.46
N ASP D 222 -13.84 32.91 -7.82
CA ASP D 222 -12.72 33.83 -7.84
C ASP D 222 -12.11 33.85 -6.45
N VAL D 223 -10.80 33.61 -6.38
CA VAL D 223 -10.13 33.52 -5.07
C VAL D 223 -10.11 34.88 -4.40
N ARG D 224 -9.92 35.95 -5.16
CA ARG D 224 -9.72 37.27 -4.57
C ARG D 224 -11.02 37.80 -3.97
N GLU D 225 -12.04 38.00 -4.82
CA GLU D 225 -13.29 38.56 -4.34
C GLU D 225 -14.16 37.57 -3.59
N GLY D 226 -13.94 36.27 -3.78
CA GLY D 226 -14.72 35.28 -3.07
C GLY D 226 -16.15 35.12 -3.54
N MET D 227 -16.46 35.52 -4.76
CA MET D 227 -17.82 35.47 -5.29
C MET D 227 -17.91 34.45 -6.41
N CYS D 228 -19.03 33.73 -6.45
CA CYS D 228 -19.29 32.79 -7.53
C CYS D 228 -19.49 33.55 -8.84
N ARG D 229 -18.86 33.07 -9.91
CA ARG D 229 -18.93 33.73 -11.20
C ARG D 229 -19.87 33.02 -12.17
N GLN D 230 -19.72 31.72 -12.34
CA GLN D 230 -20.56 30.96 -13.28
C GLN D 230 -20.95 29.64 -12.67
N THR D 231 -22.11 29.12 -13.10
CA THR D 231 -22.61 27.83 -12.68
C THR D 231 -22.83 26.95 -13.90
N PHE D 232 -22.24 25.76 -13.87
CA PHE D 232 -22.31 24.81 -14.97
C PHE D 232 -23.16 23.62 -14.56
N THR D 233 -24.06 23.20 -15.45
CA THR D 233 -24.94 22.07 -15.20
C THR D 233 -24.93 21.16 -16.41
N GLY D 234 -25.55 19.99 -16.26
CA GLY D 234 -25.63 19.04 -17.36
C GLY D 234 -25.48 17.61 -16.91
N HIS D 235 -25.14 17.42 -15.64
CA HIS D 235 -24.96 16.10 -15.09
C HIS D 235 -26.23 15.63 -14.39
N GLU D 236 -26.49 14.33 -14.48
CA GLU D 236 -27.64 13.72 -13.85
C GLU D 236 -27.30 13.05 -12.53
N SER D 237 -26.08 13.23 -12.03
CA SER D 237 -25.66 12.61 -10.79
C SER D 237 -24.56 13.44 -10.16
N ASP D 238 -24.02 12.94 -9.05
CA ASP D 238 -22.99 13.65 -8.34
C ASP D 238 -21.70 13.73 -9.16
N ILE D 239 -21.01 14.85 -9.06
CA ILE D 239 -19.74 15.05 -9.75
C ILE D 239 -18.62 14.60 -8.83
N ASN D 240 -17.82 13.65 -9.29
CA ASN D 240 -16.78 13.04 -8.48
C ASN D 240 -15.38 13.54 -8.81
N ALA D 241 -15.20 14.26 -9.92
CA ALA D 241 -13.87 14.74 -10.28
C ALA D 241 -14.02 16.02 -11.09
N ILE D 242 -12.94 16.80 -11.12
CA ILE D 242 -12.89 18.02 -11.91
C ILE D 242 -11.42 18.31 -12.19
N CYS D 243 -11.17 18.96 -13.33
CA CYS D 243 -9.81 19.26 -13.74
C CYS D 243 -9.81 20.29 -14.85
N PHE D 244 -8.87 21.23 -14.78
CA PHE D 244 -8.72 22.23 -15.84
C PHE D 244 -8.03 21.67 -17.07
N PHE D 245 -8.34 22.31 -18.20
CA PHE D 245 -7.55 22.21 -19.40
C PHE D 245 -6.19 22.87 -19.17
N PRO D 246 -5.15 22.45 -19.88
CA PRO D 246 -3.84 23.10 -19.69
C PRO D 246 -3.84 24.60 -19.94
N ASN D 247 -4.63 25.08 -20.90
CA ASN D 247 -4.70 26.51 -21.18
C ASN D 247 -5.52 27.27 -20.15
N GLY D 248 -6.24 26.58 -19.27
CA GLY D 248 -7.01 27.25 -18.24
C GLY D 248 -8.27 27.91 -18.72
N ASN D 249 -8.65 27.70 -19.97
CA ASN D 249 -9.86 28.27 -20.54
C ASN D 249 -11.01 27.29 -20.62
N ALA D 250 -10.83 26.07 -20.12
CA ALA D 250 -11.85 25.04 -20.16
C ALA D 250 -11.53 24.01 -19.08
N PHE D 251 -12.50 23.17 -18.77
CA PHE D 251 -12.28 22.15 -17.75
C PHE D 251 -13.20 20.97 -17.99
N ALA D 252 -12.81 19.82 -17.43
CA ALA D 252 -13.51 18.57 -17.61
C ALA D 252 -14.11 18.09 -16.29
N THR D 253 -15.29 17.48 -16.37
CA THR D 253 -16.02 17.03 -15.20
C THR D 253 -16.42 15.58 -15.38
N GLY D 254 -16.03 14.72 -14.43
CA GLY D 254 -16.49 13.35 -14.43
C GLY D 254 -17.49 13.12 -13.31
N SER D 255 -18.55 12.39 -13.62
CA SER D 255 -19.66 12.21 -12.71
C SER D 255 -19.91 10.73 -12.45
N ASP D 256 -20.88 10.46 -11.59
CA ASP D 256 -21.32 9.10 -11.31
C ASP D 256 -22.31 8.57 -12.32
N ASP D 257 -22.69 9.38 -13.31
CA ASP D 257 -23.57 8.96 -14.39
C ASP D 257 -22.80 8.36 -15.57
N ALA D 258 -21.58 7.89 -15.33
CA ALA D 258 -20.75 7.23 -16.32
C ALA D 258 -20.38 8.13 -17.49
N THR D 259 -20.43 9.45 -17.31
CA THR D 259 -20.16 10.40 -18.37
C THR D 259 -19.15 11.43 -17.93
N CYS D 260 -18.24 11.78 -18.83
CA CYS D 260 -17.35 12.92 -18.67
C CYS D 260 -17.77 14.01 -19.64
N ARG D 261 -17.93 15.22 -19.15
CA ARG D 261 -18.41 16.34 -19.94
C ARG D 261 -17.37 17.46 -19.95
N LEU D 262 -17.29 18.17 -21.06
CA LEU D 262 -16.31 19.23 -21.26
C LEU D 262 -17.04 20.56 -21.38
N PHE D 263 -16.59 21.55 -20.62
CA PHE D 263 -17.20 22.88 -20.59
C PHE D 263 -16.20 23.91 -21.08
N ASP D 264 -16.71 25.09 -21.44
CA ASP D 264 -15.89 26.22 -21.81
C ASP D 264 -16.19 27.38 -20.87
N LEU D 265 -15.14 28.00 -20.35
CA LEU D 265 -15.33 29.12 -19.43
C LEU D 265 -15.97 30.31 -20.13
N ARG D 266 -15.46 30.66 -21.31
CA ARG D 266 -15.97 31.84 -22.01
C ARG D 266 -17.33 31.58 -22.65
N ALA D 267 -17.49 30.43 -23.29
CA ALA D 267 -18.75 30.10 -23.95
C ALA D 267 -19.84 29.76 -22.95
N ASP D 268 -19.47 29.25 -21.78
CA ASP D 268 -20.40 29.04 -20.66
C ASP D 268 -21.49 28.04 -21.02
N GLN D 269 -21.07 26.86 -21.45
CA GLN D 269 -21.98 25.76 -21.77
C GLN D 269 -21.16 24.48 -21.88
N GLU D 270 -21.78 23.42 -22.37
CA GLU D 270 -21.10 22.15 -22.57
C GLU D 270 -20.58 22.04 -24.00
N LEU D 271 -19.57 21.21 -24.19
CA LEU D 271 -18.95 21.03 -25.49
C LEU D 271 -18.90 19.59 -25.96
N MET D 272 -18.68 18.63 -25.07
CA MET D 272 -18.62 17.24 -25.47
C MET D 272 -18.96 16.35 -24.30
N THR D 273 -19.55 15.20 -24.61
CA THR D 273 -19.91 14.20 -23.61
C THR D 273 -19.12 12.93 -23.89
N TYR D 274 -18.29 12.53 -22.94
CA TYR D 274 -17.42 11.36 -23.08
C TYR D 274 -18.12 10.18 -22.42
N SER D 275 -19.00 9.53 -23.17
CA SER D 275 -19.80 8.42 -22.67
C SER D 275 -19.79 7.28 -23.67
N HIS D 276 -19.90 6.06 -23.14
CA HIS D 276 -20.03 4.87 -23.97
C HIS D 276 -21.18 4.04 -23.40
N ASP D 277 -22.03 3.52 -24.30
CA ASP D 277 -23.19 2.75 -23.85
C ASP D 277 -22.78 1.51 -23.08
N ASN D 278 -21.58 0.98 -23.35
CA ASN D 278 -21.10 -0.19 -22.65
C ASN D 278 -20.58 0.12 -21.26
N ILE D 279 -20.32 1.39 -20.96
CA ILE D 279 -19.76 1.79 -19.68
C ILE D 279 -20.88 2.14 -18.72
N ILE D 280 -20.86 1.55 -17.53
CA ILE D 280 -21.85 1.88 -16.50
C ILE D 280 -21.23 2.26 -15.17
N CYS D 281 -20.00 1.87 -14.87
CA CYS D 281 -19.37 2.26 -13.62
C CYS D 281 -19.05 3.75 -13.63
N GLY D 282 -19.03 4.35 -12.44
CA GLY D 282 -18.82 5.78 -12.36
C GLY D 282 -17.36 6.17 -12.54
N ILE D 283 -17.15 7.47 -12.72
CA ILE D 283 -15.82 8.05 -12.85
C ILE D 283 -15.37 8.58 -11.50
N THR D 284 -14.13 8.27 -11.12
CA THR D 284 -13.57 8.71 -9.87
C THR D 284 -12.47 9.76 -10.03
N SER D 285 -11.88 9.89 -11.21
CA SER D 285 -10.81 10.86 -11.42
C SER D 285 -10.71 11.20 -12.90
N VAL D 286 -10.52 12.48 -13.19
CA VAL D 286 -10.36 12.98 -14.55
C VAL D 286 -9.06 13.79 -14.60
N SER D 287 -8.22 13.52 -15.60
CA SER D 287 -6.98 14.26 -15.77
C SER D 287 -6.63 14.34 -17.25
N PHE D 288 -5.90 15.37 -17.62
CA PHE D 288 -5.57 15.64 -19.02
C PHE D 288 -4.11 15.29 -19.29
N SER D 289 -3.72 15.47 -20.54
CA SER D 289 -2.32 15.40 -20.94
C SER D 289 -1.74 16.80 -21.05
N LYS D 290 -0.42 16.87 -21.25
CA LYS D 290 0.25 18.17 -21.27
C LYS D 290 -0.28 19.05 -22.40
N SER D 291 -0.49 18.48 -23.58
CA SER D 291 -1.01 19.22 -24.71
C SER D 291 -2.53 19.34 -24.69
N GLY D 292 -3.19 18.76 -23.69
CA GLY D 292 -4.64 18.82 -23.64
C GLY D 292 -5.33 17.99 -24.69
N ARG D 293 -4.64 16.99 -25.24
CA ARG D 293 -5.15 16.19 -26.34
C ARG D 293 -5.81 14.90 -25.85
N LEU D 294 -5.38 14.38 -24.71
CA LEU D 294 -5.96 13.18 -24.13
C LEU D 294 -6.63 13.51 -22.80
N LEU D 295 -7.58 12.66 -22.41
CA LEU D 295 -8.35 12.83 -21.18
C LEU D 295 -8.47 11.45 -20.53
N LEU D 296 -7.58 11.16 -19.58
CA LEU D 296 -7.57 9.87 -18.91
C LEU D 296 -8.56 9.90 -17.75
N ALA D 297 -9.57 9.04 -17.80
CA ALA D 297 -10.65 9.02 -16.82
C ALA D 297 -10.65 7.69 -16.08
N GLY D 298 -10.75 7.76 -14.76
CA GLY D 298 -10.70 6.57 -13.94
C GLY D 298 -12.07 6.02 -13.58
N TYR D 299 -12.41 4.86 -14.12
CA TYR D 299 -13.71 4.26 -13.90
C TYR D 299 -13.64 3.26 -12.75
N ASP D 300 -14.81 2.96 -12.19
CA ASP D 300 -14.90 1.99 -11.12
C ASP D 300 -14.90 0.55 -11.62
N ASP D 301 -14.90 0.35 -12.93
CA ASP D 301 -14.90 -0.98 -13.53
C ASP D 301 -13.52 -1.61 -13.58
N PHE D 302 -12.60 -1.11 -12.77
CA PHE D 302 -11.25 -1.64 -12.56
C PHE D 302 -10.30 -1.29 -13.70
N ASN D 303 -10.63 -0.30 -14.52
CA ASN D 303 -9.77 0.11 -15.63
C ASN D 303 -9.95 1.60 -15.88
N CYS D 304 -8.95 2.19 -16.53
CA CYS D 304 -8.96 3.60 -16.89
C CYS D 304 -8.94 3.73 -18.41
N ASN D 305 -9.84 4.54 -18.94
CA ASN D 305 -9.94 4.76 -20.38
C ASN D 305 -9.25 6.05 -20.77
N VAL D 306 -8.68 6.05 -21.97
CA VAL D 306 -8.02 7.23 -22.54
C VAL D 306 -8.92 7.77 -23.63
N TRP D 307 -9.48 8.95 -23.41
CA TRP D 307 -10.44 9.55 -24.33
C TRP D 307 -9.76 10.60 -25.20
N ASP D 308 -10.21 10.71 -26.44
CA ASP D 308 -9.73 11.74 -27.33
C ASP D 308 -10.52 13.02 -27.04
N ALA D 309 -9.85 14.02 -26.48
CA ALA D 309 -10.54 15.21 -26.00
C ALA D 309 -11.19 16.01 -27.11
N LEU D 310 -10.78 15.80 -28.37
CA LEU D 310 -11.28 16.59 -29.47
C LEU D 310 -12.23 15.81 -30.39
N LYS D 311 -12.39 14.50 -30.19
CA LYS D 311 -13.30 13.73 -31.02
C LYS D 311 -14.15 12.75 -30.24
N ALA D 312 -14.10 12.78 -28.91
CA ALA D 312 -14.96 11.96 -28.05
C ALA D 312 -14.83 10.48 -28.38
N ASP D 313 -13.59 10.03 -28.59
CA ASP D 313 -13.31 8.65 -28.99
C ASP D 313 -12.32 8.02 -28.02
N ARG D 314 -12.48 6.73 -27.78
CA ARG D 314 -11.52 6.02 -26.96
C ARG D 314 -10.25 5.74 -27.75
N ALA D 315 -9.12 5.77 -27.05
CA ALA D 315 -7.83 5.58 -27.68
C ALA D 315 -7.03 4.45 -27.05
N GLY D 316 -7.56 3.78 -26.05
CA GLY D 316 -6.83 2.71 -25.38
C GLY D 316 -7.39 2.45 -24.00
N VAL D 317 -6.87 1.40 -23.37
CA VAL D 317 -7.32 0.97 -22.06
C VAL D 317 -6.09 0.74 -21.18
N LEU D 318 -6.08 1.35 -20.01
CA LEU D 318 -5.01 1.13 -19.03
C LEU D 318 -5.44 0.08 -18.00
N ALA D 319 -5.78 -1.10 -18.51
CA ALA D 319 -6.20 -2.19 -17.65
C ALA D 319 -5.00 -2.76 -16.88
N GLY D 320 -5.30 -3.40 -15.76
CA GLY D 320 -4.24 -3.95 -14.93
C GLY D 320 -4.48 -3.82 -13.43
N HIS D 321 -5.61 -3.25 -13.04
CA HIS D 321 -5.95 -3.08 -11.63
C HIS D 321 -7.01 -4.08 -11.22
N ASP D 322 -6.78 -4.73 -10.08
CA ASP D 322 -7.72 -5.73 -9.57
C ASP D 322 -8.93 -5.12 -8.89
N ASN D 323 -8.92 -3.82 -8.62
CA ASN D 323 -10.02 -3.17 -7.94
C ASN D 323 -10.19 -1.76 -8.52
N ARG D 324 -11.15 -1.03 -7.98
CA ARG D 324 -11.48 0.29 -8.52
C ARG D 324 -10.31 1.25 -8.37
N VAL D 325 -10.05 2.05 -9.40
CA VAL D 325 -9.02 3.07 -9.35
C VAL D 325 -9.59 4.32 -8.68
N SER D 326 -8.91 4.78 -7.64
CA SER D 326 -9.42 5.88 -6.83
C SER D 326 -8.70 7.19 -7.08
N CYS D 327 -7.54 7.18 -7.72
CA CYS D 327 -6.83 8.42 -7.99
C CYS D 327 -6.02 8.25 -9.26
N LEU D 328 -6.03 9.29 -10.10
CA LEU D 328 -5.22 9.35 -11.30
C LEU D 328 -4.59 10.72 -11.40
N GLY D 329 -3.38 10.77 -11.95
CA GLY D 329 -2.68 12.03 -12.12
C GLY D 329 -1.49 11.94 -13.04
N VAL D 330 -1.29 12.93 -13.90
CA VAL D 330 -0.17 12.95 -14.81
C VAL D 330 0.89 13.93 -14.31
N THR D 331 2.13 13.72 -14.72
CA THR D 331 3.23 14.57 -14.30
C THR D 331 3.15 15.92 -15.01
N ASP D 332 3.88 16.90 -14.47
CA ASP D 332 3.86 18.24 -15.04
C ASP D 332 4.45 18.26 -16.45
N ASP D 333 5.51 17.50 -16.68
CA ASP D 333 6.12 17.41 -18.00
C ASP D 333 5.42 16.41 -18.90
N GLY D 334 4.42 15.69 -18.40
CA GLY D 334 3.66 14.79 -19.25
C GLY D 334 4.38 13.53 -19.65
N MET D 335 5.40 13.13 -18.90
CA MET D 335 6.17 11.94 -19.24
C MET D 335 5.64 10.66 -18.58
N ALA D 336 4.64 10.77 -17.71
CA ALA D 336 4.14 9.59 -17.02
C ALA D 336 2.72 9.84 -16.55
N VAL D 337 1.99 8.74 -16.32
CA VAL D 337 0.63 8.76 -15.82
C VAL D 337 0.55 7.84 -14.61
N ALA D 338 -0.09 8.29 -13.55
CA ALA D 338 -0.17 7.55 -12.30
C ALA D 338 -1.60 7.14 -12.02
N THR D 339 -1.78 5.89 -11.61
CA THR D 339 -3.08 5.37 -11.19
C THR D 339 -2.94 4.69 -9.84
N GLY D 340 -3.83 5.01 -8.91
CA GLY D 340 -3.84 4.39 -7.61
C GLY D 340 -5.19 3.80 -7.28
N SER D 341 -5.24 2.50 -7.08
CA SER D 341 -6.50 1.78 -6.91
C SER D 341 -6.60 1.23 -5.50
N TRP D 342 -7.75 0.63 -5.21
CA TRP D 342 -8.01 0.02 -3.90
C TRP D 342 -7.21 -1.26 -3.70
N ASP D 343 -6.55 -1.78 -4.74
CA ASP D 343 -5.72 -2.95 -4.62
C ASP D 343 -4.40 -2.67 -3.91
N SER D 344 -4.23 -1.46 -3.37
CA SER D 344 -3.07 -1.04 -2.59
C SER D 344 -1.80 -0.92 -3.43
N PHE D 345 -1.92 -0.86 -4.75
CA PHE D 345 -0.77 -0.70 -5.63
C PHE D 345 -0.96 0.53 -6.52
N LEU D 346 0.11 1.29 -6.69
CA LEU D 346 0.12 2.45 -7.58
C LEU D 346 1.00 2.15 -8.78
N LYS D 347 0.55 2.58 -9.96
CA LYS D 347 1.19 2.22 -11.21
C LYS D 347 1.62 3.46 -11.97
N ILE D 348 2.74 3.35 -12.68
CA ILE D 348 3.24 4.41 -13.54
C ILE D 348 3.20 3.91 -14.98
N TRP D 349 2.56 4.68 -15.85
CA TRP D 349 2.37 4.29 -17.24
C TRP D 349 3.08 5.25 -18.17
N ASN D 350 3.56 4.71 -19.28
CA ASN D 350 4.29 5.51 -20.26
C ASN D 350 4.22 4.88 -21.65
N ALA E 7 -38.09 35.35 6.91
CA ALA E 7 -37.73 33.94 6.90
C ALA E 7 -36.86 33.59 5.70
N SER E 8 -37.49 33.17 4.62
CA SER E 8 -36.79 32.81 3.39
C SER E 8 -36.61 34.00 2.46
N ILE E 9 -37.03 35.19 2.86
CA ILE E 9 -36.88 36.36 2.01
C ILE E 9 -35.41 36.65 1.76
N ALA E 10 -34.57 36.50 2.78
CA ALA E 10 -33.14 36.74 2.61
C ALA E 10 -32.53 35.75 1.63
N GLN E 11 -32.89 34.47 1.75
CA GLN E 11 -32.37 33.47 0.83
C GLN E 11 -32.83 33.73 -0.59
N ALA E 12 -34.10 34.11 -0.76
CA ALA E 12 -34.60 34.43 -2.09
C ALA E 12 -33.88 35.63 -2.69
N ARG E 13 -33.63 36.66 -1.87
CA ARG E 13 -32.90 37.83 -2.35
C ARG E 13 -31.48 37.48 -2.75
N LYS E 14 -30.82 36.63 -1.95
CA LYS E 14 -29.46 36.22 -2.28
C LYS E 14 -29.42 35.44 -3.58
N LEU E 15 -30.37 34.52 -3.78
CA LEU E 15 -30.42 33.75 -5.01
C LEU E 15 -30.68 34.66 -6.21
N VAL E 16 -31.59 35.61 -6.06
CA VAL E 16 -31.89 36.54 -7.15
C VAL E 16 -30.66 37.36 -7.52
N GLU E 17 -29.94 37.87 -6.50
CA GLU E 17 -28.74 38.64 -6.77
C GLU E 17 -27.68 37.81 -7.45
N GLN E 18 -27.50 36.56 -7.00
CA GLN E 18 -26.49 35.70 -7.63
C GLN E 18 -26.83 35.44 -9.09
N LEU E 19 -28.10 35.16 -9.39
CA LEU E 19 -28.50 34.93 -10.77
C LEU E 19 -28.31 36.18 -11.61
N LYS E 20 -28.63 37.35 -11.05
CA LYS E 20 -28.43 38.59 -11.79
C LYS E 20 -26.96 38.82 -12.10
N MET E 21 -26.07 38.52 -11.15
CA MET E 21 -24.64 38.65 -11.41
C MET E 21 -24.18 37.66 -12.47
N GLU E 22 -24.71 36.44 -12.44
CA GLU E 22 -24.28 35.41 -13.37
C GLU E 22 -24.96 35.48 -14.73
N ALA E 23 -25.93 36.38 -14.91
CA ALA E 23 -26.63 36.51 -16.18
C ALA E 23 -26.04 37.59 -17.08
N ASN E 24 -24.93 38.21 -16.71
CA ASN E 24 -24.38 39.33 -17.45
C ASN E 24 -22.92 39.12 -17.88
N ILE E 25 -22.43 37.88 -17.86
CA ILE E 25 -21.09 37.61 -18.37
C ILE E 25 -21.12 37.60 -19.88
N ASP E 26 -20.15 38.26 -20.50
CA ASP E 26 -20.07 38.31 -21.96
C ASP E 26 -19.74 36.94 -22.52
N ARG E 27 -20.38 36.60 -23.63
CA ARG E 27 -20.23 35.29 -24.25
C ARG E 27 -19.62 35.41 -25.63
N ILE E 28 -18.84 34.40 -25.99
CA ILE E 28 -18.28 34.25 -27.33
C ILE E 28 -18.91 33.03 -27.98
N LYS E 29 -19.00 33.06 -29.30
CA LYS E 29 -19.62 31.95 -30.02
C LYS E 29 -18.78 30.69 -29.85
N VAL E 30 -19.46 29.55 -29.76
CA VAL E 30 -18.78 28.28 -29.51
C VAL E 30 -17.78 27.95 -30.61
N SER E 31 -17.98 28.48 -31.81
CA SER E 31 -17.05 28.23 -32.90
C SER E 31 -15.66 28.74 -32.54
N LYS E 32 -15.58 29.96 -32.00
CA LYS E 32 -14.29 30.51 -31.62
C LYS E 32 -13.65 29.72 -30.49
N ALA E 33 -14.45 29.27 -29.51
CA ALA E 33 -13.90 28.48 -28.42
C ALA E 33 -13.33 27.16 -28.92
N ALA E 34 -14.07 26.48 -29.79
CA ALA E 34 -13.58 25.22 -30.34
C ALA E 34 -12.33 25.44 -31.19
N ALA E 35 -12.30 26.52 -31.97
CA ALA E 35 -11.11 26.83 -32.76
C ALA E 35 -9.92 27.11 -31.86
N ASP E 36 -10.13 27.81 -30.75
CA ASP E 36 -9.03 28.09 -29.82
C ASP E 36 -8.51 26.81 -29.18
N LEU E 37 -9.43 25.92 -28.78
CA LEU E 37 -8.98 24.65 -28.21
C LEU E 37 -8.21 23.82 -29.23
N MET E 38 -8.70 23.78 -30.47
CA MET E 38 -8.00 23.06 -31.53
C MET E 38 -6.62 23.66 -31.79
N ALA E 39 -6.52 24.99 -31.79
CA ALA E 39 -5.24 25.65 -32.01
C ALA E 39 -4.27 25.36 -30.89
N TYR E 40 -4.75 25.35 -29.64
CA TYR E 40 -3.87 25.03 -28.53
C TYR E 40 -3.39 23.59 -28.61
N CYS E 41 -4.27 22.68 -29.03
CA CYS E 41 -3.84 21.28 -29.17
C CYS E 41 -2.88 21.09 -30.33
N GLU E 42 -3.03 21.87 -31.41
CA GLU E 42 -2.17 21.72 -32.57
C GLU E 42 -0.78 22.33 -32.33
N ALA E 43 -0.72 23.44 -31.60
CA ALA E 43 0.55 24.10 -31.36
C ALA E 43 1.48 23.24 -30.49
N HIS E 44 0.91 22.58 -29.48
CA HIS E 44 1.70 21.81 -28.52
C HIS E 44 1.71 20.32 -28.81
N ALA E 45 1.42 19.91 -30.04
CA ALA E 45 1.43 18.50 -30.37
C ALA E 45 2.81 17.89 -30.17
N LYS E 46 3.86 18.62 -30.57
CA LYS E 46 5.22 18.08 -30.51
C LYS E 46 5.77 18.01 -29.08
N GLU E 47 5.14 18.70 -28.12
CA GLU E 47 5.62 18.74 -26.75
C GLU E 47 4.88 17.76 -25.84
N ASP E 48 4.04 16.89 -26.40
CA ASP E 48 3.32 15.90 -25.61
C ASP E 48 3.94 14.53 -25.82
N PRO E 49 4.63 13.97 -24.83
CA PRO E 49 5.25 12.65 -25.00
C PRO E 49 4.31 11.48 -24.83
N LEU E 50 3.02 11.72 -24.59
CA LEU E 50 2.11 10.61 -24.35
C LEU E 50 1.45 10.12 -25.64
N LEU E 51 1.09 11.03 -26.54
CA LEU E 51 0.48 10.63 -27.80
C LEU E 51 1.51 10.14 -28.82
N THR E 52 2.80 10.35 -28.57
CA THR E 52 3.86 9.80 -29.40
C THR E 52 4.81 9.05 -28.50
N PRO E 53 5.09 7.77 -28.77
CA PRO E 53 5.95 6.99 -27.87
C PRO E 53 7.37 7.52 -27.86
N VAL E 54 7.79 8.00 -26.69
CA VAL E 54 9.16 8.52 -26.53
C VAL E 54 10.14 7.37 -26.67
N PRO E 55 11.27 7.56 -27.34
CA PRO E 55 12.27 6.49 -27.46
C PRO E 55 12.85 6.14 -26.10
N ALA E 56 13.35 4.90 -26.01
CA ALA E 56 13.86 4.39 -24.74
C ALA E 56 15.05 5.18 -24.24
N SER E 57 15.81 5.81 -25.15
CA SER E 57 16.95 6.62 -24.72
C SER E 57 16.50 7.82 -23.91
N GLU E 58 15.44 8.50 -24.35
CA GLU E 58 14.96 9.69 -23.65
C GLU E 58 14.01 9.36 -22.51
N ASN E 59 13.35 8.21 -22.55
CA ASN E 59 12.42 7.82 -21.50
C ASN E 59 13.17 7.55 -20.20
N PRO E 60 12.85 8.24 -19.11
CA PRO E 60 13.53 7.95 -17.84
C PRO E 60 12.97 6.75 -17.11
N PHE E 61 11.78 6.28 -17.47
CA PHE E 61 11.18 5.13 -16.82
C PHE E 61 11.48 3.81 -17.53
N ARG E 62 12.27 3.85 -18.60
CA ARG E 62 12.57 2.65 -19.37
C ARG E 62 13.43 1.67 -18.58
N ASP F 1 17.79 23.60 19.99
CA ASP F 1 18.47 23.49 18.71
C ASP F 1 19.34 22.24 18.66
N VAL F 2 19.87 21.94 17.47
CA VAL F 2 20.72 20.77 17.32
C VAL F 2 22.03 21.00 18.06
N GLN F 3 22.55 19.94 18.68
CA GLN F 3 23.78 20.05 19.46
C GLN F 3 24.53 18.74 19.38
N LEU F 4 25.84 18.81 19.15
CA LEU F 4 26.71 17.64 19.17
C LEU F 4 27.96 18.00 19.98
N VAL F 5 27.94 17.68 21.27
CA VAL F 5 29.06 17.91 22.16
C VAL F 5 29.70 16.56 22.46
N GLU F 6 31.03 16.52 22.46
CA GLU F 6 31.75 15.26 22.57
C GLU F 6 33.04 15.47 23.35
N SER F 7 33.54 14.37 23.91
CA SER F 7 34.75 14.41 24.74
C SER F 7 35.36 13.01 24.75
N GLY F 8 36.58 12.94 25.27
CA GLY F 8 37.30 11.68 25.33
C GLY F 8 38.77 11.76 24.99
N GLY F 9 39.28 12.97 24.77
CA GLY F 9 40.67 13.16 24.43
C GLY F 9 41.55 13.39 25.65
N GLY F 10 42.75 13.88 25.39
CA GLY F 10 43.74 14.14 26.41
C GLY F 10 45.12 13.79 25.90
N LEU F 11 45.98 13.35 26.83
CA LEU F 11 47.32 12.87 26.51
C LEU F 11 47.38 11.37 26.74
N VAL F 12 47.80 10.62 25.73
CA VAL F 12 47.74 9.16 25.74
C VAL F 12 49.13 8.61 25.46
N GLN F 13 49.54 7.62 26.23
CA GLN F 13 50.77 6.91 25.93
C GLN F 13 50.58 6.06 24.67
N PRO F 14 51.63 5.87 23.88
CA PRO F 14 51.48 5.06 22.66
C PRO F 14 51.09 3.64 23.00
N GLY F 15 50.24 3.06 22.15
CA GLY F 15 49.70 1.75 22.39
C GLY F 15 48.56 1.70 23.39
N GLY F 16 48.18 2.85 23.96
CA GLY F 16 47.06 2.91 24.86
C GLY F 16 45.74 2.91 24.13
N SER F 17 44.67 2.71 24.89
CA SER F 17 43.34 2.62 24.33
C SER F 17 42.47 3.73 24.89
N ARG F 18 41.78 4.44 24.01
CA ARG F 18 40.86 5.49 24.41
C ARG F 18 39.51 5.26 23.78
N LYS F 19 38.51 5.99 24.29
CA LYS F 19 37.14 5.86 23.83
C LYS F 19 36.56 7.26 23.70
N LEU F 20 36.17 7.64 22.48
CA LEU F 20 35.52 8.92 22.25
C LEU F 20 34.03 8.70 22.04
N SER F 21 33.23 9.52 22.71
CA SER F 21 31.77 9.41 22.65
C SER F 21 31.19 10.74 22.20
N CYS F 22 30.17 10.65 21.34
CA CYS F 22 29.52 11.82 20.75
C CYS F 22 28.09 11.89 21.28
N SER F 23 27.79 12.95 22.03
CA SER F 23 26.45 13.15 22.57
C SER F 23 25.62 13.97 21.59
N ALA F 24 24.43 13.48 21.28
CA ALA F 24 23.53 14.15 20.34
C ALA F 24 22.22 14.49 21.02
N SER F 25 21.75 15.71 20.79
CA SER F 25 20.47 16.15 21.32
C SER F 25 19.90 17.23 20.41
N GLY F 26 18.59 17.17 20.21
CA GLY F 26 17.90 18.13 19.38
C GLY F 26 17.54 17.65 17.99
N PHE F 27 17.77 16.38 17.68
CA PHE F 27 17.44 15.85 16.37
C PHE F 27 17.28 14.35 16.47
N ALA F 28 16.62 13.78 15.46
CA ALA F 28 16.36 12.34 15.46
C ALA F 28 17.64 11.57 15.16
N PHE F 29 18.43 11.30 16.20
CA PHE F 29 19.71 10.63 16.00
C PHE F 29 19.53 9.22 15.49
N SER F 30 18.39 8.60 15.78
CA SER F 30 18.19 7.21 15.37
C SER F 30 18.10 7.06 13.85
N SER F 31 17.87 8.15 13.12
CA SER F 31 17.69 8.09 11.68
C SER F 31 18.75 8.89 10.92
N PHE F 32 19.91 9.14 11.53
CA PHE F 32 20.98 9.88 10.87
C PHE F 32 22.26 9.05 10.86
N GLY F 33 23.03 9.19 9.79
CA GLY F 33 24.30 8.51 9.66
C GLY F 33 25.43 9.38 10.17
N MET F 34 26.10 8.92 11.21
CA MET F 34 27.15 9.67 11.87
C MET F 34 28.52 9.24 11.34
N HIS F 35 29.36 10.22 11.02
CA HIS F 35 30.70 9.98 10.52
C HIS F 35 31.73 10.31 11.59
N TRP F 36 33.00 10.26 11.22
CA TRP F 36 34.09 10.70 12.08
C TRP F 36 35.15 11.34 11.20
N VAL F 37 35.43 12.62 11.42
CA VAL F 37 36.40 13.37 10.64
C VAL F 37 37.42 13.98 11.60
N ARG F 38 38.69 13.83 11.27
CA ARG F 38 39.78 14.28 12.13
C ARG F 38 40.61 15.33 11.42
N GLN F 39 41.28 16.17 12.21
CA GLN F 39 42.13 17.23 11.68
C GLN F 39 43.43 17.25 12.46
N ALA F 40 44.54 17.01 11.77
CA ALA F 40 45.86 17.00 12.38
C ALA F 40 46.21 18.40 12.86
N PRO F 41 47.19 18.55 13.76
CA PRO F 41 47.54 19.90 14.25
C PRO F 41 47.91 20.87 13.16
N GLU F 42 48.44 20.41 12.03
CA GLU F 42 48.76 21.30 10.92
C GLU F 42 48.13 20.88 9.59
N LYS F 43 47.90 19.60 9.35
CA LYS F 43 47.40 19.13 8.07
C LYS F 43 45.90 19.39 7.96
N GLY F 44 45.31 18.91 6.86
CA GLY F 44 43.90 19.10 6.62
C GLY F 44 43.05 17.96 7.16
N LEU F 45 41.77 18.00 6.80
CA LEU F 45 40.80 17.01 7.27
C LEU F 45 41.07 15.67 6.60
N GLU F 46 40.76 14.59 7.34
CA GLU F 46 40.92 13.24 6.83
C GLU F 46 39.83 12.36 7.44
N TRP F 47 39.10 11.66 6.59
CA TRP F 47 37.98 10.84 7.04
C TRP F 47 38.47 9.66 7.88
N VAL F 48 37.67 9.30 8.89
CA VAL F 48 38.08 8.25 9.83
C VAL F 48 37.12 7.06 9.81
N ALA F 49 35.86 7.29 10.18
CA ALA F 49 34.92 6.18 10.27
C ALA F 49 33.51 6.67 9.95
N TYR F 50 32.66 5.72 9.58
CA TYR F 50 31.27 6.00 9.25
C TYR F 50 30.40 4.82 9.66
N ILE F 51 29.29 5.12 10.33
CA ILE F 51 28.35 4.09 10.77
C ILE F 51 26.95 4.47 10.29
N SER F 52 26.30 3.55 9.60
CA SER F 52 25.01 3.82 8.98
C SER F 52 23.89 3.81 10.01
N SER F 53 22.72 4.27 9.58
CA SER F 53 21.53 4.19 10.43
C SER F 53 21.11 2.73 10.58
N GLY F 54 20.85 2.33 11.82
CA GLY F 54 20.51 0.94 12.10
C GLY F 54 21.70 0.00 12.19
N SER F 55 22.92 0.53 12.20
CA SER F 55 24.14 -0.28 12.30
C SER F 55 24.21 -1.30 11.17
N GLY F 56 23.79 -0.90 9.98
CA GLY F 56 23.84 -1.78 8.83
C GLY F 56 25.21 -1.86 8.19
N THR F 57 25.72 -0.72 7.71
CA THR F 57 26.99 -0.67 7.00
C THR F 57 27.95 0.24 7.75
N ILE F 58 29.16 -0.27 8.01
CA ILE F 58 30.21 0.48 8.68
C ILE F 58 31.45 0.44 7.81
N TYR F 59 32.06 1.60 7.59
CA TYR F 59 33.27 1.72 6.79
C TYR F 59 34.39 2.30 7.63
N TYR F 60 35.61 1.86 7.36
CA TYR F 60 36.80 2.37 8.02
C TYR F 60 37.85 2.73 6.99
N ALA F 61 38.66 3.74 7.31
CA ALA F 61 39.71 4.17 6.40
C ALA F 61 40.81 3.13 6.33
N ASP F 62 41.63 3.25 5.27
CA ASP F 62 42.73 2.31 5.08
C ASP F 62 43.75 2.41 6.22
N THR F 63 44.01 3.63 6.69
CA THR F 63 44.93 3.84 7.80
C THR F 63 44.27 3.66 9.15
N VAL F 64 43.02 3.22 9.18
CA VAL F 64 42.25 3.10 10.42
C VAL F 64 41.72 1.68 10.57
N LYS F 65 41.53 1.01 9.44
CA LYS F 65 40.85 -0.29 9.44
C LYS F 65 41.63 -1.31 10.26
N GLY F 66 40.89 -2.12 11.01
CA GLY F 66 41.49 -3.14 11.87
C GLY F 66 41.74 -2.70 13.29
N ARG F 67 42.24 -1.48 13.47
CA ARG F 67 42.57 -1.02 14.81
C ARG F 67 41.40 -0.32 15.49
N PHE F 68 40.68 0.54 14.77
CA PHE F 68 39.59 1.31 15.35
C PHE F 68 38.24 0.69 15.00
N THR F 69 37.30 0.80 15.94
CA THR F 69 35.94 0.34 15.74
C THR F 69 34.97 1.39 16.25
N ILE F 70 33.81 1.49 15.60
CA ILE F 70 32.78 2.45 15.97
C ILE F 70 31.51 1.70 16.33
N SER F 71 30.69 2.30 17.19
CA SER F 71 29.47 1.67 17.66
C SER F 71 28.50 2.76 18.13
N ARG F 72 27.25 2.36 18.29
CA ARG F 72 26.20 3.29 18.74
C ARG F 72 25.71 2.94 20.14
N LYS F 76 19.65 5.51 22.54
CA LYS F 76 20.29 6.14 23.69
C LYS F 76 20.95 7.46 23.32
N ASN F 77 21.05 7.72 22.01
CA ASN F 77 21.56 8.98 21.48
C ASN F 77 23.02 9.22 21.87
N THR F 78 23.86 8.26 21.52
CA THR F 78 25.30 8.37 21.77
C THR F 78 26.05 7.54 20.73
N LEU F 79 27.11 8.11 20.17
CA LEU F 79 27.96 7.42 19.21
C LEU F 79 29.32 7.15 19.83
N PHE F 80 29.72 5.88 19.84
CA PHE F 80 30.99 5.46 20.42
C PHE F 80 31.98 5.14 19.31
N LEU F 81 33.26 5.35 19.60
CA LEU F 81 34.36 5.03 18.68
C LEU F 81 35.48 4.41 19.51
N GLN F 82 35.52 3.08 19.60
CA GLN F 82 36.59 2.42 20.32
C GLN F 82 37.89 2.59 19.55
N MET F 83 38.96 2.89 20.29
CA MET F 83 40.24 3.27 19.69
C MET F 83 41.33 2.40 20.30
N THR F 84 41.97 1.57 19.48
CA THR F 84 42.99 0.66 19.95
C THR F 84 44.30 0.88 19.19
N SER F 85 45.40 0.61 19.88
CA SER F 85 46.75 0.70 19.32
C SER F 85 47.02 2.11 18.79
N LEU F 86 47.00 3.07 19.70
CA LEU F 86 47.23 4.46 19.32
C LEU F 86 48.67 4.63 18.87
N ARG F 87 48.85 5.21 17.69
CA ARG F 87 50.17 5.47 17.11
C ARG F 87 50.38 6.97 17.01
N SER F 88 51.63 7.36 16.75
CA SER F 88 51.99 8.77 16.76
C SER F 88 51.29 9.57 15.67
N GLU F 89 50.81 8.90 14.62
CA GLU F 89 50.14 9.58 13.52
C GLU F 89 48.67 9.86 13.82
N ASP F 90 48.15 9.40 14.95
CA ASP F 90 46.75 9.58 15.28
C ASP F 90 46.46 10.91 15.95
N THR F 91 47.47 11.74 16.20
CA THR F 91 47.22 13.03 16.83
C THR F 91 46.44 13.92 15.89
N ALA F 92 45.30 14.42 16.37
CA ALA F 92 44.38 15.21 15.56
C ALA F 92 43.32 15.79 16.49
N MET F 93 42.34 16.47 15.90
CA MET F 93 41.14 16.91 16.60
C MET F 93 39.96 16.22 15.95
N TYR F 94 39.30 15.34 16.69
CA TYR F 94 38.27 14.47 16.13
C TYR F 94 36.91 15.16 16.20
N TYR F 95 36.22 15.21 15.06
CA TYR F 95 34.93 15.89 14.94
C TYR F 95 33.81 14.89 14.76
N CYS F 96 32.60 15.33 15.06
CA CYS F 96 31.38 14.52 14.92
C CYS F 96 30.52 15.16 13.84
N VAL F 97 30.14 14.36 12.84
CA VAL F 97 29.35 14.85 11.71
C VAL F 97 28.15 13.93 11.50
N ARG F 98 26.99 14.52 11.29
CA ARG F 98 25.77 13.80 10.98
C ARG F 98 25.48 13.90 9.48
N SER F 99 24.63 13.00 9.00
CA SER F 99 24.32 12.96 7.58
C SER F 99 23.04 12.17 7.36
N ILE F 100 22.27 12.59 6.36
CA ILE F 100 21.05 11.92 5.93
C ILE F 100 21.12 11.68 4.43
N TYR F 101 20.72 10.49 4.00
CA TYR F 101 20.78 10.14 2.59
C TYR F 101 19.41 9.74 2.10
N TYR F 102 18.77 10.63 1.36
CA TYR F 102 17.59 10.31 0.57
C TYR F 102 17.62 11.21 -0.66
N TYR F 103 16.52 11.24 -1.41
CA TYR F 103 16.49 12.06 -2.61
C TYR F 103 16.40 13.53 -2.23
N GLY F 104 17.38 14.31 -2.64
CA GLY F 104 17.42 15.72 -2.31
C GLY F 104 17.93 16.04 -0.92
N SER F 105 18.63 15.11 -0.29
CA SER F 105 19.11 15.31 1.07
C SER F 105 20.32 16.24 1.07
N SER F 106 20.75 16.61 2.28
CA SER F 106 21.86 17.54 2.49
C SER F 106 22.86 16.90 3.44
N PRO F 107 23.72 16.02 2.94
CA PRO F 107 24.67 15.33 3.81
C PRO F 107 25.71 16.28 4.40
N PHE F 108 26.25 15.87 5.54
CA PHE F 108 27.32 16.60 6.23
C PHE F 108 26.89 18.00 6.65
N ASP F 109 25.61 18.18 6.99
CA ASP F 109 25.11 19.53 7.23
C ASP F 109 25.66 20.13 8.51
N PHE F 110 25.64 19.39 9.61
CA PHE F 110 26.03 19.92 10.91
C PHE F 110 27.30 19.24 11.40
N TRP F 111 28.16 20.04 12.04
CA TRP F 111 29.44 19.59 12.56
C TRP F 111 29.54 19.94 14.03
N GLY F 112 30.11 19.04 14.82
CA GLY F 112 30.28 19.26 16.23
C GLY F 112 31.47 20.13 16.56
N GLN F 113 31.62 20.42 17.85
CA GLN F 113 32.72 21.26 18.32
C GLN F 113 34.05 20.53 18.36
N GLY F 114 34.04 19.21 18.39
CA GLY F 114 35.26 18.44 18.26
C GLY F 114 35.96 18.20 19.58
N THR F 115 36.88 17.24 19.56
CA THR F 115 37.71 16.90 20.72
C THR F 115 39.15 16.73 20.27
N THR F 116 40.07 17.00 21.19
CA THR F 116 41.50 17.00 20.90
C THR F 116 42.17 15.77 21.48
N LEU F 117 42.96 15.08 20.67
CA LEU F 117 43.65 13.87 21.09
C LEU F 117 45.13 14.01 20.79
N THR F 118 45.98 13.74 21.78
CA THR F 118 47.41 13.87 21.64
C THR F 118 48.09 12.58 22.04
N VAL F 119 49.07 12.16 21.26
CA VAL F 119 49.85 10.95 21.53
C VAL F 119 51.32 11.32 21.49
N SER F 120 52.03 10.98 22.57
CA SER F 120 53.44 11.31 22.67
C SER F 120 54.29 10.23 22.01
N GLY F 135 44.42 1.71 -3.51
CA GLY F 135 45.11 2.51 -4.50
C GLY F 135 44.19 3.15 -5.52
N SER F 136 42.88 3.06 -5.26
CA SER F 136 41.88 3.63 -6.13
C SER F 136 41.26 4.90 -5.58
N ASP F 137 41.94 5.55 -4.63
CA ASP F 137 41.41 6.77 -4.03
C ASP F 137 41.43 7.89 -5.05
N ILE F 138 40.33 8.66 -5.10
CA ILE F 138 40.22 9.78 -6.02
C ILE F 138 40.96 10.97 -5.42
N VAL F 139 42.24 11.10 -5.75
CA VAL F 139 43.06 12.13 -5.14
C VAL F 139 42.62 13.51 -5.64
N MET F 140 42.50 14.45 -4.71
CA MET F 140 42.10 15.81 -5.02
C MET F 140 43.19 16.78 -4.61
N THR F 141 43.41 17.79 -5.45
CA THR F 141 44.44 18.79 -5.22
C THR F 141 43.82 20.18 -5.23
N GLN F 142 44.14 20.97 -4.23
CA GLN F 142 43.80 22.39 -4.19
C GLN F 142 45.08 23.13 -4.50
N ALA F 143 45.23 23.54 -5.77
CA ALA F 143 46.51 24.04 -6.25
C ALA F 143 46.98 25.27 -5.49
N THR F 144 46.07 26.19 -5.22
CA THR F 144 46.41 27.43 -4.51
C THR F 144 46.44 27.14 -3.02
N SER F 145 47.64 27.25 -2.42
CA SER F 145 47.75 27.06 -0.99
C SER F 145 47.17 28.25 -0.21
N SER F 146 47.33 29.46 -0.72
CA SER F 146 46.82 30.66 -0.07
C SER F 146 46.38 31.66 -1.11
N VAL F 147 45.28 32.36 -0.83
CA VAL F 147 44.73 33.33 -1.77
C VAL F 147 44.43 34.64 -1.05
N PRO F 148 45.19 35.71 -1.27
CA PRO F 148 44.88 36.99 -0.62
C PRO F 148 43.77 37.72 -1.36
N VAL F 149 42.76 38.16 -0.62
CA VAL F 149 41.61 38.83 -1.20
C VAL F 149 41.10 39.88 -0.22
N THR F 150 40.72 41.07 -0.77
CA THR F 150 40.19 42.27 -0.15
C THR F 150 38.66 42.22 -0.07
N PRO F 151 38.06 42.96 0.86
CA PRO F 151 36.59 42.98 0.95
C PRO F 151 35.97 43.56 -0.31
N GLY F 152 34.80 43.04 -0.66
CA GLY F 152 34.05 43.54 -1.79
C GLY F 152 34.54 43.08 -3.14
N GLU F 153 35.56 42.22 -3.20
CA GLU F 153 36.10 41.74 -4.46
C GLU F 153 35.84 40.26 -4.60
N SER F 154 35.45 39.85 -5.81
CA SER F 154 35.14 38.45 -6.08
C SER F 154 36.41 37.63 -6.18
N VAL F 155 36.33 36.38 -5.74
CA VAL F 155 37.45 35.44 -5.75
C VAL F 155 37.00 34.15 -6.41
N SER F 156 37.90 33.17 -6.41
CA SER F 156 37.59 31.86 -6.97
C SER F 156 38.44 30.81 -6.27
N ILE F 157 37.81 29.70 -5.91
CA ILE F 157 38.48 28.58 -5.27
C ILE F 157 38.35 27.36 -6.18
N SER F 158 39.49 26.77 -6.54
CA SER F 158 39.53 25.70 -7.53
C SER F 158 39.80 24.36 -6.88
N CYS F 159 39.42 23.30 -7.60
CA CYS F 159 39.58 21.92 -7.15
C CYS F 159 39.63 21.04 -8.39
N ARG F 160 40.12 19.81 -8.19
CA ARG F 160 40.23 18.86 -9.29
C ARG F 160 39.90 17.47 -8.74
N SER F 161 40.04 16.46 -9.59
CA SER F 161 39.82 15.07 -9.19
C SER F 161 40.57 14.16 -10.16
N SER F 162 40.93 12.99 -9.66
CA SER F 162 41.63 12.00 -10.47
C SER F 162 40.69 11.16 -11.32
N LYS F 163 39.39 11.19 -11.03
CA LYS F 163 38.41 10.46 -11.81
C LYS F 163 37.15 11.31 -11.96
N SER F 164 36.39 11.03 -13.00
CA SER F 164 35.17 11.78 -13.26
C SER F 164 34.18 11.62 -12.12
N LEU F 165 33.62 12.73 -11.66
CA LEU F 165 32.65 12.73 -10.57
C LEU F 165 31.22 12.93 -11.05
N LEU F 166 30.99 12.90 -12.36
CA LEU F 166 29.64 12.96 -12.91
C LEU F 166 29.15 11.52 -13.08
N HIS F 167 28.36 11.06 -12.11
CA HIS F 167 27.84 9.71 -12.17
C HIS F 167 26.87 9.56 -13.35
N SER F 168 26.52 8.30 -13.63
CA SER F 168 25.58 8.03 -14.71
C SER F 168 24.21 8.63 -14.45
N ASN F 169 23.86 8.87 -13.19
CA ASN F 169 22.57 9.45 -12.85
C ASN F 169 22.55 10.96 -13.02
N GLY F 170 23.69 11.58 -13.31
CA GLY F 170 23.75 13.00 -13.57
C GLY F 170 24.00 13.89 -12.39
N ASN F 171 24.43 13.35 -11.26
CA ASN F 171 24.69 14.13 -10.05
C ASN F 171 26.19 14.19 -9.80
N THR F 172 26.73 15.40 -9.77
CA THR F 172 28.12 15.59 -9.36
C THR F 172 28.20 15.61 -7.84
N TYR F 173 29.24 14.99 -7.31
CA TYR F 173 29.35 14.71 -5.88
C TYR F 173 30.45 15.51 -5.19
N LEU F 174 30.61 16.78 -5.56
CA LEU F 174 31.61 17.63 -4.94
C LEU F 174 30.94 18.46 -3.84
N TYR F 175 31.46 18.33 -2.62
CA TYR F 175 30.95 19.04 -1.47
C TYR F 175 32.00 20.06 -1.03
N TRP F 176 31.58 21.32 -0.87
CA TRP F 176 32.46 22.39 -0.44
C TRP F 176 32.23 22.68 1.03
N PHE F 177 33.30 22.82 1.79
CA PHE F 177 33.23 23.10 3.21
C PHE F 177 33.96 24.40 3.54
N LEU F 178 33.49 25.07 4.58
CA LEU F 178 34.09 26.31 5.06
C LEU F 178 34.47 26.12 6.52
N GLN F 179 35.73 26.36 6.84
CA GLN F 179 36.25 26.25 8.20
C GLN F 179 36.67 27.64 8.66
N ARG F 180 35.78 28.32 9.37
CA ARG F 180 36.07 29.65 9.87
C ARG F 180 37.22 29.59 10.88
N PRO F 181 37.98 30.68 11.02
CA PRO F 181 39.10 30.65 11.97
C PRO F 181 38.67 30.47 13.41
N GLY F 182 38.99 29.31 13.98
CA GLY F 182 38.63 29.01 15.35
C GLY F 182 37.25 28.42 15.55
N GLN F 183 36.64 27.85 14.51
CA GLN F 183 35.30 27.31 14.61
C GLN F 183 35.20 26.04 13.79
N SER F 184 34.15 25.27 14.05
CA SER F 184 33.94 24.01 13.36
C SER F 184 33.54 24.26 11.91
N PRO F 185 33.88 23.34 11.00
CA PRO F 185 33.52 23.51 9.59
C PRO F 185 32.02 23.54 9.37
N GLN F 186 31.60 24.24 8.33
CA GLN F 186 30.20 24.36 7.95
C GLN F 186 30.02 23.95 6.51
N LEU F 187 28.87 23.35 6.21
CA LEU F 187 28.56 22.95 4.85
C LEU F 187 27.99 24.14 4.09
N LEU F 188 28.60 24.48 2.96
CA LEU F 188 28.22 25.62 2.16
C LEU F 188 27.55 25.23 0.85
N ILE F 189 28.14 24.27 0.13
CA ILE F 189 27.60 23.83 -1.16
C ILE F 189 27.64 22.31 -1.21
N TYR F 190 26.51 21.68 -1.48
CA TYR F 190 26.43 20.24 -1.64
C TYR F 190 26.00 19.88 -3.05
N ARG F 191 26.49 18.73 -3.53
CA ARG F 191 26.22 18.23 -4.87
C ARG F 191 26.74 19.17 -5.96
N MET F 192 27.74 19.98 -5.63
CA MET F 192 28.51 20.77 -6.58
C MET F 192 27.71 21.89 -7.23
N SER F 193 26.40 21.96 -6.96
CA SER F 193 25.58 23.06 -7.46
C SER F 193 24.61 23.64 -6.45
N ASN F 194 24.23 22.90 -5.41
CA ASN F 194 23.17 23.33 -4.50
C ASN F 194 23.75 24.05 -3.29
N LEU F 195 22.97 24.97 -2.75
CA LEU F 195 23.38 25.81 -1.63
C LEU F 195 22.74 25.30 -0.35
N ALA F 196 23.54 25.17 0.70
CA ALA F 196 23.07 24.61 1.96
C ALA F 196 22.14 25.59 2.68
N SER F 197 21.47 25.09 3.72
CA SER F 197 20.52 25.91 4.46
C SER F 197 21.24 26.97 5.27
N GLY F 198 20.72 28.19 5.22
CA GLY F 198 21.29 29.31 5.95
C GLY F 198 22.47 29.97 5.29
N VAL F 199 23.02 29.39 4.24
CA VAL F 199 24.18 29.98 3.56
C VAL F 199 23.73 31.21 2.78
N PRO F 200 24.43 32.34 2.88
CA PRO F 200 24.05 33.52 2.10
C PRO F 200 24.14 33.26 0.60
N ASP F 201 23.29 33.95 -0.15
CA ASP F 201 23.18 33.71 -1.58
C ASP F 201 24.41 34.12 -2.37
N ARG F 202 25.35 34.84 -1.76
CA ARG F 202 26.53 35.31 -2.49
C ARG F 202 27.36 34.14 -3.00
N PHE F 203 27.32 33.00 -2.30
CA PHE F 203 28.10 31.84 -2.71
C PHE F 203 27.44 31.14 -3.88
N SER F 204 28.27 30.65 -4.81
CA SER F 204 27.78 29.88 -5.95
C SER F 204 28.89 28.98 -6.44
N GLY F 205 28.56 27.73 -6.71
CA GLY F 205 29.55 26.76 -7.14
C GLY F 205 29.19 26.17 -8.48
N SER F 206 30.22 25.92 -9.30
CA SER F 206 30.05 25.37 -10.63
C SER F 206 31.17 24.38 -10.90
N GLY F 207 31.25 23.94 -12.14
CA GLY F 207 32.24 22.95 -12.52
C GLY F 207 31.62 21.95 -13.48
N SER F 208 32.48 21.06 -14.00
CA SER F 208 32.01 20.07 -14.96
C SER F 208 33.00 18.92 -14.98
N GLY F 209 32.56 17.74 -14.59
CA GLY F 209 33.31 16.52 -14.81
C GLY F 209 34.52 16.32 -13.93
N THR F 210 35.54 17.14 -14.10
CA THR F 210 36.78 16.98 -13.36
C THR F 210 37.22 18.25 -12.64
N ALA F 211 36.97 19.42 -13.21
CA ALA F 211 37.35 20.69 -12.59
C ALA F 211 36.12 21.37 -12.02
N PHE F 212 36.26 21.95 -10.83
CA PHE F 212 35.16 22.60 -10.14
C PHE F 212 35.63 23.95 -9.58
N THR F 213 34.66 24.82 -9.33
CA THR F 213 34.97 26.18 -8.88
C THR F 213 33.81 26.73 -8.06
N LEU F 214 34.12 27.30 -6.90
CA LEU F 214 33.15 27.99 -6.07
C LEU F 214 33.43 29.48 -6.14
N THR F 215 32.45 30.24 -6.59
CA THR F 215 32.61 31.68 -6.81
C THR F 215 32.02 32.44 -5.63
N ILE F 216 32.83 33.28 -5.00
CA ILE F 216 32.41 34.11 -3.89
C ILE F 216 32.35 35.54 -4.38
N SER F 217 31.15 36.10 -4.42
CA SER F 217 30.91 37.46 -4.86
C SER F 217 30.51 38.33 -3.69
N ARG F 218 30.97 39.58 -3.69
CA ARG F 218 30.73 40.51 -2.60
C ARG F 218 31.25 39.93 -1.27
N LEU F 219 32.57 39.77 -1.23
CA LEU F 219 33.24 39.25 -0.04
C LEU F 219 32.95 40.14 1.17
N GLU F 220 32.73 39.50 2.30
CA GLU F 220 32.52 40.19 3.57
C GLU F 220 33.61 39.78 4.55
N ALA F 221 33.57 40.38 5.75
CA ALA F 221 34.58 40.05 6.75
C ALA F 221 34.39 38.66 7.32
N GLU F 222 33.16 38.18 7.41
CA GLU F 222 32.88 36.88 8.01
C GLU F 222 33.20 35.72 7.08
N ASP F 223 33.44 35.96 5.80
CA ASP F 223 33.74 34.88 4.87
C ASP F 223 35.21 34.52 4.84
N VAL F 224 36.06 35.19 5.63
CA VAL F 224 37.47 34.88 5.66
C VAL F 224 37.70 33.56 6.38
N GLY F 225 38.47 32.67 5.77
CA GLY F 225 38.72 31.37 6.36
C GLY F 225 39.39 30.46 5.35
N VAL F 226 39.31 29.16 5.61
CA VAL F 226 39.90 28.15 4.75
C VAL F 226 38.79 27.26 4.18
N TYR F 227 38.82 27.07 2.86
CA TYR F 227 37.78 26.34 2.14
C TYR F 227 38.30 24.96 1.74
N TYR F 228 37.40 23.98 1.73
CA TYR F 228 37.79 22.59 1.53
C TYR F 228 36.95 21.94 0.45
N CYS F 229 37.52 20.90 -0.15
CA CYS F 229 36.94 20.16 -1.26
C CYS F 229 36.81 18.70 -0.83
N MET F 230 35.64 18.10 -1.07
CA MET F 230 35.43 16.71 -0.68
C MET F 230 34.69 15.98 -1.79
N GLN F 231 34.98 14.69 -1.93
CA GLN F 231 34.33 13.82 -2.90
C GLN F 231 33.47 12.80 -2.18
N HIS F 232 32.44 12.32 -2.87
CA HIS F 232 31.56 11.32 -2.28
C HIS F 232 31.13 10.25 -3.29
N LEU F 233 31.89 10.05 -4.36
CA LEU F 233 31.50 9.07 -5.37
C LEU F 233 31.73 7.63 -4.90
N GLU F 234 32.71 7.41 -4.03
CA GLU F 234 32.98 6.08 -3.49
C GLU F 234 33.91 6.22 -2.30
N TYR F 235 33.69 5.37 -1.29
CA TYR F 235 34.52 5.42 -0.10
C TYR F 235 35.91 4.90 -0.42
N PRO F 236 36.96 5.41 0.23
CA PRO F 236 36.96 6.44 1.28
C PRO F 236 36.76 7.86 0.75
N LEU F 237 36.28 8.77 1.59
CA LEU F 237 36.05 10.16 1.19
C LEU F 237 37.34 10.93 1.42
N THR F 238 38.08 11.20 0.35
CA THR F 238 39.35 11.91 0.44
C THR F 238 39.14 13.39 0.22
N PHE F 239 39.70 14.21 1.12
CA PHE F 239 39.56 15.66 1.07
C PHE F 239 40.69 16.28 0.26
N GLY F 240 40.64 17.60 0.14
CA GLY F 240 41.73 18.34 -0.47
C GLY F 240 42.65 18.99 0.55
N ALA F 241 43.74 19.56 0.05
CA ALA F 241 44.70 20.22 0.93
C ALA F 241 44.11 21.45 1.60
N GLY F 242 43.32 22.22 0.88
CA GLY F 242 42.67 23.39 1.44
C GLY F 242 43.24 24.68 0.88
N THR F 243 42.36 25.65 0.64
CA THR F 243 42.75 26.97 0.15
C THR F 243 42.46 28.00 1.24
N LYS F 244 43.48 28.75 1.63
CA LYS F 244 43.35 29.74 2.69
C LYS F 244 42.95 31.08 2.08
N LEU F 245 41.70 31.50 2.30
CA LEU F 245 41.22 32.78 1.80
C LEU F 245 41.49 33.87 2.83
N GLU F 246 42.77 34.16 3.01
CA GLU F 246 43.20 35.14 4.00
C GLU F 246 42.78 36.54 3.60
N LEU F 247 42.62 37.40 4.60
CA LEU F 247 42.22 38.78 4.35
C LEU F 247 43.34 39.54 3.64
N LYS F 248 42.94 40.41 2.72
CA LYS F 248 43.86 41.23 1.93
C LYS F 248 44.87 40.36 1.18
#